data_9BGP
#
_entry.id   9BGP
#
_cell.length_a   53.110
_cell.length_b   53.116
_cell.length_c   70.322
_cell.angle_alpha   82.59
_cell.angle_beta   82.56
_cell.angle_gamma   74.40
#
_symmetry.space_group_name_H-M   'P 1'
#
loop_
_entity.id
_entity.type
_entity.pdbx_description
1 polymer aminotransferase
2 non-polymer 1,2-ETHANEDIOL
3 non-polymer 'CHLORIDE ION'
4 water water
#
_entity_poly.entity_id   1
_entity_poly.type   'polypeptide(L)'
_entity_poly.pdbx_seq_one_letter_code
;MIKLSQPQIPEFAIEKVADILRGGQLVHGDECNLFEQELAEYLGVKHALVVSNGTAALHLALLALNIGPGDAVIVPDFTF
TATANIVEMVGAKAIIVDVDKTSYNLDPQKLQACINEWQGPETLKAIMPVLEFGNPTHLNAYRDIAKQHGLFMIEDAACA
LGASEQGTMVGTAAEFGCFSFHPR(LLP)TLTTGEGGAVVTNDTELYNKVALLRSHGMQRTETGVVFKCVGLNYRLTNFQ
GAIGRAILPELNQWIAKRRELANQYRELLAPLVEVGKLTLPSIVEGHSVQTYMTVLADNFERSDVIEALRSKQVESNLGA
QSMSSLGLFNHKYNTEQQYPEGTRLYTHGLALPLHEGMNAEDVATVVSALTEVLEHARLEHHHHHH
;
_entity_poly.pdbx_strand_id   A,B
#
loop_
_chem_comp.id
_chem_comp.type
_chem_comp.name
_chem_comp.formula
CL non-polymer 'CHLORIDE ION' 'Cl -1'
EDO non-polymer 1,2-ETHANEDIOL 'C2 H6 O2'
#
# COMPACT_ATOMS: atom_id res chain seq x y z
N MET A 1 9.59 -30.27 -3.69
CA MET A 1 10.66 -29.24 -3.50
C MET A 1 10.68 -28.94 -2.00
N ILE A 2 11.84 -29.10 -1.34
CA ILE A 2 12.06 -28.47 -0.04
C ILE A 2 12.22 -26.98 -0.29
N LYS A 3 11.28 -26.21 0.23
CA LYS A 3 11.17 -24.80 -0.13
C LYS A 3 11.77 -23.95 0.99
N LEU A 4 12.11 -22.70 0.64
CA LEU A 4 12.68 -21.76 1.62
C LEU A 4 11.69 -21.42 2.72
N SER A 5 10.40 -21.31 2.38
CA SER A 5 9.35 -21.06 3.36
C SER A 5 8.04 -21.61 2.81
N GLN A 6 7.11 -21.90 3.72
CA GLN A 6 5.81 -22.42 3.33
C GLN A 6 4.87 -22.21 4.51
N PRO A 7 4.46 -20.96 4.79
CA PRO A 7 3.71 -20.67 6.00
C PRO A 7 2.36 -21.39 6.00
N GLN A 8 2.01 -21.96 7.15
CA GLN A 8 0.74 -22.63 7.34
C GLN A 8 -0.18 -21.69 8.11
N ILE A 9 -1.20 -21.21 7.42
CA ILE A 9 -2.19 -20.40 8.09
C ILE A 9 -3.14 -21.35 8.79
N PRO A 10 -3.38 -21.21 10.11
CA PRO A 10 -4.30 -22.10 10.82
C PRO A 10 -5.68 -22.16 10.17
N GLU A 11 -6.31 -23.33 10.21
CA GLU A 11 -7.61 -23.49 9.58
C GLU A 11 -8.63 -22.54 10.21
N PHE A 12 -8.54 -22.31 11.53
CA PHE A 12 -9.51 -21.43 12.18
C PHE A 12 -9.40 -20.01 11.63
N ALA A 13 -8.18 -19.61 11.23
CA ALA A 13 -7.99 -18.30 10.65
C ALA A 13 -8.62 -18.23 9.26
N ILE A 14 -8.48 -19.32 8.50
CA ILE A 14 -9.09 -19.39 7.17
C ILE A 14 -10.61 -19.27 7.32
N GLU A 15 -11.19 -19.95 8.31
CA GLU A 15 -12.62 -19.88 8.56
C GLU A 15 -13.03 -18.46 8.95
N LYS A 16 -12.19 -17.80 9.75
CA LYS A 16 -12.48 -16.44 10.16
C LYS A 16 -12.44 -15.51 8.96
N VAL A 17 -11.46 -15.70 8.09
CA VAL A 17 -11.41 -14.92 6.84
C VAL A 17 -12.69 -15.10 6.02
N ALA A 18 -13.12 -16.37 5.87
CA ALA A 18 -14.36 -16.66 5.13
C ALA A 18 -15.56 -15.96 5.77
N ASP A 19 -15.63 -15.99 7.10
CA ASP A 19 -16.72 -15.34 7.82
C ASP A 19 -16.71 -13.84 7.56
N ILE A 20 -15.51 -13.22 7.57
CA ILE A 20 -15.40 -11.79 7.33
C ILE A 20 -15.85 -11.45 5.91
N LEU A 21 -15.37 -12.22 4.92
CA LEU A 21 -15.77 -11.95 3.55
C LEU A 21 -17.28 -12.09 3.37
N ARG A 22 -17.90 -13.03 4.09
CA ARG A 22 -19.30 -13.39 3.85
C ARG A 22 -20.19 -12.34 4.50
N GLY A 23 -19.81 -11.87 5.68
CA GLY A 23 -20.73 -11.08 6.47
C GLY A 23 -20.08 -10.12 7.46
N GLY A 24 -18.78 -9.82 7.28
CA GLY A 24 -18.03 -9.00 8.22
C GLY A 24 -17.53 -7.69 7.61
N GLN A 25 -16.74 -6.95 8.38
CA GLN A 25 -16.16 -5.69 7.92
C GLN A 25 -14.87 -6.04 7.18
N LEU A 26 -14.70 -5.52 5.97
CA LEU A 26 -13.54 -5.84 5.15
C LEU A 26 -12.38 -4.89 5.45
N VAL A 27 -12.66 -3.59 5.62
CA VAL A 27 -11.61 -2.63 5.89
C VAL A 27 -11.18 -2.77 7.35
N HIS A 28 -9.99 -2.26 7.64
CA HIS A 28 -9.35 -2.33 8.94
C HIS A 28 -10.42 -2.24 10.02
N GLY A 29 -10.54 -3.29 10.83
CA GLY A 29 -11.55 -3.31 11.88
C GLY A 29 -11.04 -3.97 13.15
N ASP A 30 -11.95 -4.71 13.81
CA ASP A 30 -11.66 -5.23 15.14
C ASP A 30 -10.42 -6.14 15.06
N GLU A 31 -10.30 -6.92 14.00
CA GLU A 31 -9.16 -7.82 13.88
C GLU A 31 -7.85 -7.04 13.79
N CYS A 32 -7.80 -5.96 13.03
CA CYS A 32 -6.58 -5.18 12.97
C CYS A 32 -6.28 -4.52 14.30
N ASN A 33 -7.31 -3.99 14.97
CA ASN A 33 -7.09 -3.29 16.22
C ASN A 33 -6.60 -4.24 17.32
N LEU A 34 -7.16 -5.44 17.35
CA LEU A 34 -6.72 -6.47 18.29
C LEU A 34 -5.31 -6.94 17.92
N PHE A 35 -5.04 -7.14 16.62
CA PHE A 35 -3.68 -7.50 16.21
C PHE A 35 -2.68 -6.46 16.69
N GLU A 36 -2.98 -5.15 16.54
CA GLU A 36 -2.08 -4.11 16.99
C GLU A 36 -1.81 -4.24 18.49
N GLN A 37 -2.89 -4.43 19.28
N GLN A 37 -2.87 -4.43 19.28
CA GLN A 37 -2.73 -4.54 20.71
CA GLN A 37 -2.69 -4.52 20.71
C GLN A 37 -1.84 -5.74 21.04
C GLN A 37 -1.83 -5.74 21.04
N GLU A 38 -2.08 -6.86 20.36
CA GLU A 38 -1.39 -8.09 20.63
C GLU A 38 0.07 -8.01 20.20
N LEU A 39 0.37 -7.34 19.08
CA LEU A 39 1.75 -7.12 18.65
C LEU A 39 2.49 -6.27 19.67
N ALA A 40 1.84 -5.20 20.14
CA ALA A 40 2.46 -4.31 21.10
C ALA A 40 2.84 -5.07 22.37
N GLU A 41 1.91 -5.89 22.86
CA GLU A 41 2.14 -6.68 24.06
C GLU A 41 3.26 -7.70 23.81
N TYR A 42 3.26 -8.36 22.65
CA TYR A 42 4.30 -9.32 22.32
C TYR A 42 5.69 -8.68 22.37
N LEU A 43 5.81 -7.46 21.89
CA LEU A 43 7.08 -6.78 21.76
C LEU A 43 7.44 -6.03 23.04
N GLY A 44 6.47 -5.80 23.92
CA GLY A 44 6.69 -4.92 25.06
C GLY A 44 6.93 -3.46 24.66
N VAL A 45 6.18 -3.02 23.65
CA VAL A 45 6.27 -1.67 23.10
C VAL A 45 4.90 -0.98 23.27
N LYS A 46 4.88 0.35 23.40
CA LYS A 46 3.65 1.02 23.76
C LYS A 46 2.62 0.95 22.63
N HIS A 47 3.08 1.03 21.37
CA HIS A 47 2.16 1.24 20.25
C HIS A 47 2.56 0.41 19.04
N ALA A 48 1.54 -0.08 18.32
CA ALA A 48 1.76 -0.76 17.04
C ALA A 48 0.66 -0.33 16.09
N LEU A 49 1.00 -0.23 14.79
CA LEU A 49 0.06 0.04 13.71
C LEU A 49 0.32 -0.88 12.55
N VAL A 50 -0.70 -1.63 12.15
CA VAL A 50 -0.53 -2.51 11.01
C VAL A 50 -0.78 -1.76 9.71
N VAL A 51 -0.05 -2.14 8.66
CA VAL A 51 0.02 -1.42 7.40
C VAL A 51 0.10 -2.40 6.24
N SER A 52 0.04 -1.87 5.02
CA SER A 52 -0.10 -2.69 3.81
C SER A 52 1.05 -3.68 3.59
N ASN A 53 2.27 -3.29 3.97
CA ASN A 53 3.45 -4.13 3.79
C ASN A 53 4.60 -3.50 4.56
N GLY A 54 5.75 -4.18 4.58
CA GLY A 54 6.90 -3.72 5.36
C GLY A 54 7.55 -2.48 4.76
N THR A 55 7.46 -2.34 3.42
CA THR A 55 7.98 -1.15 2.75
C THR A 55 7.16 0.07 3.18
N ALA A 56 5.84 -0.09 3.25
CA ALA A 56 4.95 0.95 3.73
C ALA A 56 5.30 1.36 5.17
N ALA A 57 5.68 0.39 6.01
CA ALA A 57 6.06 0.68 7.39
C ALA A 57 7.29 1.60 7.40
N LEU A 58 8.32 1.26 6.63
CA LEU A 58 9.50 2.12 6.55
C LEU A 58 9.12 3.49 6.03
N HIS A 59 8.27 3.52 4.99
CA HIS A 59 7.87 4.77 4.36
C HIS A 59 7.22 5.72 5.38
N LEU A 60 6.28 5.17 6.13
CA LEU A 60 5.57 5.95 7.15
C LEU A 60 6.51 6.41 8.26
N ALA A 61 7.47 5.58 8.65
CA ALA A 61 8.44 6.00 9.64
C ALA A 61 9.24 7.20 9.15
N LEU A 62 9.71 7.15 7.89
CA LEU A 62 10.46 8.26 7.34
C LEU A 62 9.61 9.53 7.33
N LEU A 63 8.39 9.42 6.82
CA LEU A 63 7.51 10.58 6.70
C LEU A 63 7.18 11.17 8.07
N ALA A 64 6.92 10.32 9.07
CA ALA A 64 6.57 10.78 10.41
C ALA A 64 7.74 11.56 11.03
N LEU A 65 8.98 11.25 10.65
CA LEU A 65 10.16 11.94 11.17
C LEU A 65 10.58 13.12 10.30
N ASN A 66 9.77 13.47 9.29
CA ASN A 66 10.03 14.59 8.41
C ASN A 66 11.36 14.45 7.69
N ILE A 67 11.67 13.22 7.28
CA ILE A 67 12.84 12.96 6.48
C ILE A 67 12.47 13.01 5.01
N GLY A 68 13.21 13.79 4.24
CA GLY A 68 12.78 14.05 2.89
C GLY A 68 13.86 14.78 2.11
N PRO A 69 13.47 15.62 1.11
CA PRO A 69 14.45 16.34 0.31
C PRO A 69 15.41 17.12 1.18
N GLY A 70 16.69 17.01 0.84
CA GLY A 70 17.71 17.72 1.58
C GLY A 70 18.33 16.92 2.71
N ASP A 71 17.82 15.69 2.93
CA ASP A 71 18.21 14.86 4.07
C ASP A 71 18.90 13.59 3.58
N ALA A 72 19.56 12.92 4.54
CA ALA A 72 20.29 11.70 4.30
C ALA A 72 20.02 10.72 5.42
N VAL A 73 19.99 9.43 5.01
CA VAL A 73 19.80 8.31 5.91
C VAL A 73 20.84 7.24 5.60
N ILE A 74 21.48 6.69 6.64
CA ILE A 74 22.47 5.63 6.45
C ILE A 74 21.73 4.28 6.42
N VAL A 75 22.12 3.44 5.44
CA VAL A 75 21.58 2.11 5.23
C VAL A 75 22.75 1.15 5.08
N PRO A 76 22.54 -0.15 5.36
CA PRO A 76 23.58 -1.15 5.14
C PRO A 76 23.72 -1.51 3.67
N ASP A 77 24.90 -1.95 3.28
CA ASP A 77 25.09 -2.34 1.89
C ASP A 77 24.28 -3.61 1.59
N PHE A 78 24.22 -4.56 2.54
CA PHE A 78 23.61 -5.84 2.29
C PHE A 78 22.20 -5.84 2.91
N THR A 79 21.20 -5.89 2.05
CA THR A 79 19.80 -5.86 2.45
C THR A 79 18.94 -6.07 1.22
N PHE A 80 17.63 -6.22 1.43
CA PHE A 80 16.70 -6.13 0.32
C PHE A 80 16.61 -4.68 -0.16
N THR A 81 16.41 -4.50 -1.47
CA THR A 81 16.53 -3.18 -2.07
C THR A 81 15.55 -2.16 -1.51
N ALA A 82 14.40 -2.59 -0.96
CA ALA A 82 13.43 -1.68 -0.37
C ALA A 82 14.04 -0.73 0.66
N THR A 83 15.01 -1.21 1.45
CA THR A 83 15.58 -0.39 2.51
C THR A 83 16.10 0.92 1.92
N ALA A 84 16.95 0.83 0.90
CA ALA A 84 17.55 2.00 0.28
C ALA A 84 16.55 2.71 -0.65
N ASN A 85 15.74 1.96 -1.39
CA ASN A 85 14.76 2.58 -2.28
C ASN A 85 13.87 3.56 -1.50
N ILE A 86 13.38 3.17 -0.32
CA ILE A 86 12.33 3.94 0.32
C ILE A 86 12.89 5.27 0.80
N VAL A 87 14.16 5.26 1.23
CA VAL A 87 14.84 6.50 1.54
C VAL A 87 14.81 7.44 0.34
N GLU A 88 15.22 6.94 -0.82
CA GLU A 88 15.24 7.74 -2.03
C GLU A 88 13.82 8.19 -2.38
N MET A 89 12.82 7.34 -2.16
CA MET A 89 11.48 7.70 -2.60
C MET A 89 10.93 8.92 -1.86
N VAL A 90 11.34 9.13 -0.60
CA VAL A 90 10.88 10.31 0.12
C VAL A 90 11.70 11.55 -0.21
N GLY A 91 12.72 11.38 -1.05
CA GLY A 91 13.57 12.47 -1.50
C GLY A 91 14.89 12.57 -0.74
N ALA A 92 15.09 11.74 0.28
CA ALA A 92 16.36 11.69 0.98
C ALA A 92 17.40 10.87 0.20
N LYS A 93 18.67 10.98 0.59
CA LYS A 93 19.74 10.21 -0.05
C LYS A 93 20.17 9.03 0.86
N ALA A 94 20.20 7.84 0.27
CA ALA A 94 20.67 6.64 0.94
C ALA A 94 22.20 6.66 0.94
N ILE A 95 22.76 6.66 2.14
CA ILE A 95 24.19 6.63 2.38
C ILE A 95 24.56 5.23 2.82
N ILE A 96 25.35 4.58 2.00
CA ILE A 96 25.61 3.16 2.20
C ILE A 96 26.82 2.96 3.09
N VAL A 97 26.69 2.08 4.07
CA VAL A 97 27.80 1.66 4.91
C VAL A 97 27.86 0.13 4.86
N ASP A 98 29.08 -0.43 4.91
CA ASP A 98 29.24 -1.86 4.75
C ASP A 98 28.72 -2.59 5.99
N VAL A 99 28.46 -3.90 5.81
CA VAL A 99 28.09 -4.82 6.88
C VAL A 99 29.32 -5.57 7.36
N ASP A 100 29.17 -6.26 8.47
CA ASP A 100 30.28 -7.12 8.87
C ASP A 100 30.02 -8.55 8.41
N LYS A 101 31.14 -9.26 8.23
CA LYS A 101 31.09 -10.55 7.56
C LYS A 101 30.44 -11.60 8.45
N THR A 102 30.47 -11.44 9.76
CA THR A 102 29.98 -12.45 10.69
C THR A 102 28.46 -12.35 10.83
N SER A 103 27.95 -11.14 11.04
CA SER A 103 26.53 -10.97 11.35
C SER A 103 25.69 -10.70 10.11
N TYR A 104 26.32 -10.15 9.09
CA TYR A 104 25.70 -9.68 7.85
C TYR A 104 24.92 -8.38 8.11
N ASN A 105 25.07 -7.80 9.31
CA ASN A 105 24.43 -6.54 9.65
C ASN A 105 25.42 -5.38 9.57
N LEU A 106 24.86 -4.16 9.42
CA LEU A 106 25.59 -2.89 9.41
C LEU A 106 26.74 -2.91 10.41
N ASP A 107 27.94 -2.61 9.92
CA ASP A 107 29.13 -2.70 10.76
C ASP A 107 29.22 -1.46 11.65
N PRO A 108 29.14 -1.60 13.00
CA PRO A 108 29.15 -0.45 13.89
C PRO A 108 30.38 0.46 13.76
N GLN A 109 31.56 -0.10 13.52
CA GLN A 109 32.76 0.73 13.40
C GLN A 109 32.72 1.54 12.11
N LYS A 110 32.28 0.93 11.00
CA LYS A 110 32.15 1.66 9.75
C LYS A 110 31.02 2.67 9.82
N LEU A 111 29.99 2.36 10.61
CA LEU A 111 28.90 3.31 10.84
C LEU A 111 29.42 4.56 11.52
N GLN A 112 30.19 4.34 12.60
CA GLN A 112 30.76 5.45 13.34
C GLN A 112 31.63 6.30 12.43
N ALA A 113 32.46 5.67 11.60
CA ALA A 113 33.34 6.41 10.70
C ALA A 113 32.51 7.28 9.77
N CYS A 114 31.42 6.73 9.20
CA CYS A 114 30.64 7.48 8.26
C CYS A 114 30.06 8.72 8.94
N ILE A 115 29.48 8.53 10.12
CA ILE A 115 28.85 9.63 10.84
C ILE A 115 29.90 10.68 11.16
N ASN A 116 31.07 10.22 11.65
CA ASN A 116 32.12 11.14 12.06
C ASN A 116 32.55 12.02 10.87
N GLU A 117 32.66 11.44 9.68
CA GLU A 117 33.15 12.15 8.51
C GLU A 117 32.07 13.01 7.85
N TRP A 118 30.80 12.78 8.18
CA TRP A 118 29.74 13.48 7.50
C TRP A 118 29.83 15.00 7.71
N GLN A 119 29.76 15.74 6.60
CA GLN A 119 29.75 17.20 6.67
C GLN A 119 28.86 17.74 5.55
N GLY A 120 27.87 16.94 5.11
CA GLY A 120 26.88 17.42 4.17
C GLY A 120 27.13 16.97 2.73
N PRO A 121 26.47 17.60 1.73
CA PRO A 121 25.67 18.79 1.94
C PRO A 121 24.30 18.53 2.56
N GLU A 122 23.80 17.29 2.45
CA GLU A 122 22.51 16.96 3.02
C GLU A 122 22.58 16.95 4.55
N THR A 123 21.43 17.04 5.21
CA THR A 123 21.35 16.91 6.65
C THR A 123 21.20 15.44 7.02
N LEU A 124 22.21 14.88 7.70
CA LEU A 124 22.14 13.48 8.10
C LEU A 124 21.21 13.35 9.30
N LYS A 125 20.09 12.64 9.12
CA LYS A 125 19.02 12.64 10.11
C LYS A 125 18.81 11.30 10.81
N ALA A 126 19.18 10.17 10.19
CA ALA A 126 18.77 8.88 10.72
C ALA A 126 19.73 7.80 10.25
N ILE A 127 19.68 6.71 11.01
CA ILE A 127 20.18 5.42 10.60
C ILE A 127 19.02 4.45 10.44
N MET A 128 19.13 3.60 9.44
CA MET A 128 18.14 2.55 9.17
C MET A 128 18.85 1.21 9.12
N PRO A 129 19.31 0.74 10.28
CA PRO A 129 19.93 -0.59 10.33
C PRO A 129 18.91 -1.66 9.98
N VAL A 130 19.38 -2.72 9.34
CA VAL A 130 18.62 -3.92 9.06
C VAL A 130 19.02 -5.04 10.02
N LEU A 131 18.02 -5.66 10.62
CA LEU A 131 18.31 -6.86 11.42
C LEU A 131 18.14 -8.05 10.50
N GLU A 132 19.20 -8.29 9.73
CA GLU A 132 19.04 -9.06 8.50
C GLU A 132 18.84 -10.54 8.84
N PHE A 133 17.84 -11.16 8.21
CA PHE A 133 17.53 -12.57 8.33
C PHE A 133 17.09 -12.95 9.73
N GLY A 134 16.72 -11.94 10.55
CA GLY A 134 16.33 -12.18 11.94
C GLY A 134 17.46 -12.07 12.95
N ASN A 135 18.61 -11.56 12.49
CA ASN A 135 19.78 -11.44 13.37
C ASN A 135 19.71 -10.11 14.11
N PRO A 136 19.59 -10.14 15.45
CA PRO A 136 19.51 -8.94 16.27
C PRO A 136 20.86 -8.30 16.55
N THR A 137 21.96 -8.95 16.11
CA THR A 137 23.30 -8.52 16.46
C THR A 137 23.49 -7.05 16.12
N HIS A 138 24.02 -6.30 17.09
CA HIS A 138 24.34 -4.89 17.04
C HIS A 138 23.14 -3.96 17.31
N LEU A 139 21.95 -4.50 17.61
CA LEU A 139 20.78 -3.69 17.89
C LEU A 139 21.08 -2.59 18.91
N ASN A 140 21.65 -2.97 20.04
CA ASN A 140 21.87 -2.01 21.12
C ASN A 140 23.01 -1.04 20.77
N ALA A 141 24.02 -1.50 20.01
CA ALA A 141 25.07 -0.63 19.53
C ALA A 141 24.47 0.44 18.61
N TYR A 142 23.55 0.05 17.71
CA TYR A 142 22.94 1.03 16.82
C TYR A 142 22.19 2.09 17.61
N ARG A 143 21.45 1.65 18.63
CA ARG A 143 20.75 2.58 19.51
C ARG A 143 21.72 3.57 20.13
N ASP A 144 22.82 3.05 20.66
CA ASP A 144 23.76 3.89 21.37
C ASP A 144 24.42 4.89 20.42
N ILE A 145 24.76 4.44 19.21
CA ILE A 145 25.39 5.27 18.21
C ILE A 145 24.43 6.37 17.77
N ALA A 146 23.16 6.04 17.54
CA ALA A 146 22.20 7.04 17.14
C ALA A 146 22.08 8.07 18.27
N LYS A 147 22.04 7.63 19.52
CA LYS A 147 21.86 8.58 20.63
C LYS A 147 23.09 9.48 20.76
N GLN A 148 24.27 8.91 20.57
CA GLN A 148 25.53 9.63 20.71
C GLN A 148 25.56 10.76 19.69
N HIS A 149 24.98 10.56 18.51
CA HIS A 149 25.11 11.52 17.42
C HIS A 149 23.80 12.22 17.11
N GLY A 150 22.81 12.16 18.00
CA GLY A 150 21.57 12.92 17.80
C GLY A 150 20.75 12.47 16.60
N LEU A 151 20.88 11.20 16.18
CA LEU A 151 20.19 10.67 15.02
C LEU A 151 18.95 9.93 15.45
N PHE A 152 17.93 9.96 14.57
CA PHE A 152 16.85 9.02 14.68
C PHE A 152 17.33 7.64 14.25
N MET A 153 16.66 6.59 14.74
CA MET A 153 16.89 5.21 14.33
C MET A 153 15.54 4.59 13.97
N ILE A 154 15.49 4.11 12.73
CA ILE A 154 14.39 3.33 12.20
C ILE A 154 14.90 1.93 11.98
N GLU A 155 14.42 0.96 12.75
CA GLU A 155 14.86 -0.41 12.53
C GLU A 155 14.10 -1.01 11.37
N ASP A 156 14.86 -1.44 10.35
CA ASP A 156 14.26 -2.26 9.31
C ASP A 156 14.31 -3.70 9.80
N ALA A 157 13.25 -4.03 10.52
CA ALA A 157 13.08 -5.33 11.16
C ALA A 157 12.17 -6.21 10.30
N ALA A 158 12.18 -5.98 8.99
CA ALA A 158 11.33 -6.74 8.09
C ALA A 158 11.37 -8.23 8.40
N CYS A 159 12.57 -8.75 8.62
CA CYS A 159 12.81 -10.17 8.78
C CYS A 159 13.03 -10.56 10.22
N ALA A 160 12.62 -9.75 11.20
CA ALA A 160 13.12 -9.96 12.55
C ALA A 160 12.07 -9.89 13.66
N LEU A 161 10.77 -9.96 13.33
CA LEU A 161 9.77 -10.05 14.39
C LEU A 161 10.10 -11.24 15.29
N GLY A 162 10.17 -10.98 16.59
CA GLY A 162 10.47 -12.01 17.57
C GLY A 162 11.95 -12.15 17.94
N ALA A 163 12.84 -11.49 17.18
CA ALA A 163 14.26 -11.49 17.51
C ALA A 163 14.53 -10.51 18.66
N SER A 164 15.66 -10.68 19.36
CA SER A 164 15.98 -9.81 20.48
C SER A 164 17.48 -9.85 20.75
N GLU A 165 18.01 -8.76 21.31
CA GLU A 165 19.40 -8.73 21.75
C GLU A 165 19.47 -8.20 23.18
N GLN A 166 20.04 -8.98 24.10
CA GLN A 166 20.38 -8.50 25.45
C GLN A 166 19.14 -7.87 26.09
N GLY A 167 17.96 -8.48 25.90
CA GLY A 167 16.73 -8.02 26.55
C GLY A 167 15.93 -7.00 25.73
N THR A 168 16.50 -6.52 24.63
CA THR A 168 15.79 -5.55 23.81
C THR A 168 15.11 -6.31 22.67
N MET A 169 13.77 -6.32 22.60
CA MET A 169 13.10 -6.91 21.43
C MET A 169 13.41 -6.06 20.21
N VAL A 170 13.78 -6.73 19.13
CA VAL A 170 13.97 -6.03 17.87
C VAL A 170 12.68 -5.27 17.54
N GLY A 171 12.88 -4.02 17.10
CA GLY A 171 11.82 -3.11 16.71
C GLY A 171 11.57 -2.05 17.78
N THR A 172 12.11 -2.23 19.00
CA THR A 172 11.72 -1.43 20.14
C THR A 172 12.87 -0.58 20.69
N ALA A 173 14.00 -0.49 20.01
CA ALA A 173 15.17 0.13 20.64
C ALA A 173 15.08 1.65 20.63
N ALA A 174 14.43 2.25 19.64
CA ALA A 174 14.50 3.69 19.45
C ALA A 174 13.19 4.19 18.82
N GLU A 175 13.24 5.15 17.89
CA GLU A 175 12.00 5.80 17.48
C GLU A 175 11.00 4.84 16.86
N PHE A 176 11.45 4.02 15.92
CA PHE A 176 10.53 3.19 15.17
C PHE A 176 11.13 1.81 14.92
N GLY A 177 10.24 0.81 14.89
CA GLY A 177 10.51 -0.52 14.39
C GLY A 177 9.54 -0.86 13.27
N CYS A 178 10.06 -1.47 12.21
CA CYS A 178 9.25 -1.77 11.03
C CYS A 178 9.37 -3.24 10.69
N PHE A 179 8.23 -3.92 10.55
CA PHE A 179 8.18 -5.35 10.32
C PHE A 179 7.41 -5.63 9.05
N SER A 180 7.73 -6.76 8.38
CA SER A 180 7.07 -7.26 7.19
C SER A 180 6.38 -8.58 7.49
N PHE A 181 5.19 -8.76 6.92
CA PHE A 181 4.44 -10.00 6.98
C PHE A 181 4.34 -10.62 5.59
N HIS A 182 5.33 -10.39 4.74
CA HIS A 182 5.45 -11.06 3.46
C HIS A 182 5.57 -12.57 3.69
N PRO A 183 5.22 -13.45 2.71
CA PRO A 183 5.18 -14.88 3.00
C PRO A 183 6.50 -15.56 3.35
N ARG A 184 7.62 -14.94 2.96
CA ARG A 184 8.93 -15.46 3.30
C ARG A 184 9.27 -15.15 4.75
N1 LLP A 185 13.41 -4.63 4.19
C2 LLP A 185 13.97 -5.84 4.30
C2' LLP A 185 15.29 -5.96 5.00
C3 LLP A 185 13.31 -6.96 3.82
O3 LLP A 185 13.84 -8.22 3.96
C4 LLP A 185 12.03 -6.82 3.25
C4' LLP A 185 11.28 -8.02 2.89
C5 LLP A 185 11.49 -5.54 3.10
C6 LLP A 185 12.22 -4.48 3.58
C5' LLP A 185 10.19 -5.27 2.39
OP4 LLP A 185 9.01 -5.72 3.10
P LLP A 185 7.70 -6.00 2.20
OP1 LLP A 185 6.67 -6.39 3.23
OP2 LLP A 185 7.36 -4.76 1.45
OP3 LLP A 185 8.04 -7.17 1.28
N LLP A 185 8.45 -14.31 5.51
CA LLP A 185 9.00 -13.68 6.74
CB LLP A 185 8.93 -12.17 6.49
CG LLP A 185 9.80 -11.84 5.28
CD LLP A 185 10.16 -10.40 4.99
CE LLP A 185 10.60 -10.23 3.55
NZ LLP A 185 11.59 -9.16 3.43
C LLP A 185 8.28 -14.23 7.97
O LLP A 185 8.21 -13.54 9.00
N THR A 186 7.98 -15.52 7.99
CA THR A 186 7.62 -16.35 9.16
C THR A 186 6.18 -16.12 9.58
N LEU A 187 5.85 -14.90 10.03
CA LEU A 187 4.46 -14.52 10.24
C LEU A 187 4.01 -13.83 8.96
N THR A 188 2.94 -14.31 8.31
CA THR A 188 2.50 -13.69 7.06
C THR A 188 1.04 -13.30 7.13
N THR A 189 0.71 -12.25 6.39
CA THR A 189 -0.67 -11.90 6.08
C THR A 189 -0.86 -11.81 4.56
N GLY A 190 0.00 -12.49 3.81
CA GLY A 190 0.07 -12.39 2.36
C GLY A 190 0.91 -11.20 1.92
N GLU A 191 0.41 -9.99 2.13
CA GLU A 191 1.22 -8.78 2.24
C GLU A 191 0.80 -8.15 3.56
N GLY A 192 1.76 -7.53 4.24
CA GLY A 192 1.40 -6.80 5.46
C GLY A 192 2.65 -6.28 6.11
N GLY A 193 2.46 -5.41 7.09
CA GLY A 193 3.58 -5.01 7.92
C GLY A 193 3.08 -4.29 9.16
N ALA A 194 4.04 -3.79 9.93
CA ALA A 194 3.68 -3.03 11.12
C ALA A 194 4.76 -2.01 11.43
N VAL A 195 4.31 -0.88 11.99
CA VAL A 195 5.15 0.17 12.54
C VAL A 195 4.92 0.18 14.05
N VAL A 196 5.98 0.08 14.85
CA VAL A 196 5.85 0.18 16.29
C VAL A 196 6.72 1.33 16.80
N THR A 197 6.33 1.81 17.98
CA THR A 197 7.04 2.93 18.61
C THR A 197 6.59 3.01 20.07
N ASN A 198 7.46 3.58 20.90
CA ASN A 198 7.10 3.97 22.27
C ASN A 198 6.66 5.41 22.39
N ASP A 199 6.66 6.14 21.29
CA ASP A 199 6.43 7.58 21.31
C ASP A 199 5.01 7.83 20.79
N THR A 200 4.13 8.36 21.66
CA THR A 200 2.72 8.52 21.34
C THR A 200 2.55 9.56 20.23
N GLU A 201 3.40 10.59 20.19
CA GLU A 201 3.30 11.56 19.12
C GLU A 201 3.60 10.94 17.76
N LEU A 202 4.62 10.08 17.70
CA LEU A 202 4.96 9.42 16.44
C LEU A 202 3.86 8.45 16.05
N TYR A 203 3.28 7.72 17.00
CA TYR A 203 2.16 6.83 16.75
C TYR A 203 1.03 7.63 16.11
N ASN A 204 0.66 8.74 16.73
CA ASN A 204 -0.48 9.50 16.25
C ASN A 204 -0.23 9.97 14.83
N LYS A 205 0.99 10.41 14.54
CA LYS A 205 1.33 10.88 13.20
C LYS A 205 1.25 9.77 12.18
N VAL A 206 1.81 8.59 12.48
CA VAL A 206 1.72 7.49 11.55
C VAL A 206 0.27 7.09 11.30
N ALA A 207 -0.55 7.10 12.35
CA ALA A 207 -1.95 6.75 12.17
C ALA A 207 -2.63 7.72 11.21
N LEU A 208 -2.30 9.02 11.30
CA LEU A 208 -2.85 9.97 10.34
C LEU A 208 -2.38 9.63 8.92
N LEU A 209 -1.07 9.44 8.77
CA LEU A 209 -0.46 9.26 7.45
C LEU A 209 -0.97 7.99 6.78
N ARG A 210 -1.31 6.97 7.58
CA ARG A 210 -1.78 5.68 7.07
C ARG A 210 -3.12 5.79 6.33
N SER A 211 -3.94 6.79 6.72
CA SER A 211 -5.31 6.88 6.25
C SER A 211 -5.69 8.33 5.97
N HIS A 212 -5.00 8.95 5.02
CA HIS A 212 -5.49 10.18 4.40
C HIS A 212 -5.51 11.38 5.35
N GLY A 213 -4.78 11.30 6.46
CA GLY A 213 -4.80 12.36 7.47
C GLY A 213 -6.06 12.37 8.33
N MET A 214 -6.85 11.30 8.28
CA MET A 214 -8.13 11.25 8.98
C MET A 214 -7.94 11.07 10.48
N GLN A 215 -8.63 11.92 11.25
CA GLN A 215 -8.71 11.83 12.70
C GLN A 215 -10.19 11.73 13.09
N ARG A 216 -10.54 10.71 13.88
CA ARG A 216 -11.88 10.62 14.42
C ARG A 216 -11.96 11.49 15.69
N GLY A 220 -17.25 13.89 14.14
CA GLY A 220 -16.98 13.72 12.70
C GLY A 220 -15.50 13.45 12.40
N VAL A 221 -15.23 12.94 11.19
CA VAL A 221 -13.87 12.80 10.70
C VAL A 221 -13.35 14.19 10.35
N VAL A 222 -12.10 14.49 10.75
CA VAL A 222 -11.39 15.69 10.33
C VAL A 222 -10.14 15.25 9.58
N PHE A 223 -9.76 16.00 8.54
CA PHE A 223 -8.53 15.80 7.79
C PHE A 223 -7.44 16.72 8.33
N LYS A 224 -6.50 16.17 9.09
CA LYS A 224 -5.52 16.98 9.81
C LYS A 224 -4.30 17.31 8.97
N CYS A 225 -3.98 16.47 7.97
CA CYS A 225 -2.77 16.63 7.21
C CYS A 225 -2.92 15.79 5.94
N VAL A 226 -2.03 16.00 4.99
CA VAL A 226 -2.02 15.18 3.79
C VAL A 226 -1.42 13.83 4.19
N GLY A 227 -1.96 12.76 3.61
CA GLY A 227 -1.49 11.42 3.88
C GLY A 227 -1.75 10.47 2.71
N LEU A 228 -1.58 9.18 3.00
CA LEU A 228 -1.61 8.08 2.05
C LEU A 228 -2.71 7.10 2.46
N ASN A 229 -2.81 6.00 1.73
CA ASN A 229 -3.58 4.84 2.14
C ASN A 229 -2.61 3.66 2.24
N TYR A 230 -2.27 3.29 3.46
CA TYR A 230 -1.49 2.09 3.73
C TYR A 230 -2.22 1.21 4.73
N ARG A 231 -3.54 1.17 4.64
CA ARG A 231 -4.30 0.36 5.57
C ARG A 231 -4.22 -1.13 5.20
N LEU A 232 -4.27 -1.99 6.21
CA LEU A 232 -4.38 -3.43 6.04
C LEU A 232 -5.84 -3.84 6.16
N THR A 233 -6.30 -4.80 5.35
CA THR A 233 -7.67 -5.26 5.48
C THR A 233 -7.89 -5.97 6.82
N ASN A 234 -9.16 -5.99 7.23
CA ASN A 234 -9.53 -6.68 8.46
C ASN A 234 -9.27 -8.17 8.33
N PHE A 235 -9.45 -8.76 7.15
CA PHE A 235 -9.22 -10.20 6.99
C PHE A 235 -7.72 -10.50 6.99
N GLN A 236 -6.88 -9.64 6.44
CA GLN A 236 -5.45 -9.85 6.58
C GLN A 236 -5.05 -9.75 8.05
N GLY A 237 -5.64 -8.78 8.77
CA GLY A 237 -5.34 -8.68 10.17
C GLY A 237 -5.70 -9.95 10.92
N ALA A 238 -6.86 -10.55 10.58
CA ALA A 238 -7.28 -11.80 11.21
C ALA A 238 -6.23 -12.90 11.02
N ILE A 239 -5.63 -12.99 9.84
CA ILE A 239 -4.62 -13.99 9.60
C ILE A 239 -3.44 -13.75 10.52
N GLY A 240 -2.97 -12.50 10.59
CA GLY A 240 -1.76 -12.21 11.32
C GLY A 240 -1.92 -12.53 12.80
N ARG A 241 -3.07 -12.17 13.37
CA ARG A 241 -3.22 -12.33 14.80
C ARG A 241 -3.49 -13.80 15.13
N ALA A 242 -3.90 -14.62 14.16
CA ALA A 242 -4.01 -16.05 14.38
C ALA A 242 -2.64 -16.71 14.46
N ILE A 243 -1.66 -16.14 13.76
CA ILE A 243 -0.33 -16.73 13.68
C ILE A 243 0.54 -16.28 14.85
N LEU A 244 0.38 -15.05 15.30
CA LEU A 244 1.27 -14.49 16.31
C LEU A 244 1.44 -15.41 17.53
N PRO A 245 0.39 -16.05 18.09
CA PRO A 245 0.57 -16.94 19.23
C PRO A 245 1.45 -18.14 18.96
N GLU A 246 1.67 -18.48 17.69
CA GLU A 246 2.52 -19.61 17.31
C GLU A 246 3.97 -19.17 17.06
N LEU A 247 4.24 -17.87 16.95
CA LEU A 247 5.52 -17.41 16.43
C LEU A 247 6.70 -17.86 17.30
N ASN A 248 6.59 -17.78 18.62
CA ASN A 248 7.71 -18.20 19.46
C ASN A 248 8.01 -19.69 19.26
N GLN A 249 6.99 -20.54 19.13
CA GLN A 249 7.19 -21.97 18.88
C GLN A 249 7.87 -22.16 17.53
N TRP A 250 7.44 -21.40 16.50
CA TRP A 250 8.05 -21.52 15.19
C TRP A 250 9.50 -21.09 15.23
N ILE A 251 9.82 -20.00 15.94
CA ILE A 251 11.21 -19.58 16.08
C ILE A 251 12.03 -20.64 16.80
N ALA A 252 11.49 -21.20 17.86
CA ALA A 252 12.20 -22.24 18.61
C ALA A 252 12.51 -23.42 17.68
N LYS A 253 11.54 -23.84 16.86
CA LYS A 253 11.78 -24.92 15.92
C LYS A 253 12.85 -24.54 14.92
N ARG A 254 12.80 -23.29 14.40
CA ARG A 254 13.81 -22.83 13.47
C ARG A 254 15.21 -22.86 14.08
N ARG A 255 15.33 -22.54 15.37
N ARG A 255 15.33 -22.49 15.36
CA ARG A 255 16.65 -22.53 16.02
CA ARG A 255 16.61 -22.52 16.06
C ARG A 255 17.15 -23.96 16.23
C ARG A 255 17.12 -23.96 16.12
N GLU A 256 16.24 -24.92 16.42
CA GLU A 256 16.63 -26.33 16.43
C GLU A 256 17.16 -26.77 15.06
N LEU A 257 16.44 -26.39 14.01
CA LEU A 257 16.86 -26.76 12.66
C LEU A 257 18.20 -26.11 12.37
N ALA A 258 18.39 -24.85 12.77
CA ALA A 258 19.68 -24.21 12.57
C ALA A 258 20.82 -24.97 13.24
N ASN A 259 20.57 -25.48 14.44
CA ASN A 259 21.58 -26.24 15.17
C ASN A 259 21.91 -27.53 14.42
N GLN A 260 20.90 -28.13 13.79
CA GLN A 260 21.14 -29.30 12.97
C GLN A 260 22.04 -28.95 11.78
N TYR A 261 21.75 -27.84 11.08
CA TYR A 261 22.61 -27.41 10.01
C TYR A 261 24.04 -27.20 10.51
N ARG A 262 24.17 -26.56 11.66
CA ARG A 262 25.49 -26.26 12.21
C ARG A 262 26.31 -27.53 12.33
N GLU A 263 25.70 -28.58 12.88
CA GLU A 263 26.36 -29.84 13.10
C GLU A 263 26.67 -30.50 11.75
N LEU A 264 25.67 -30.57 10.87
CA LEU A 264 25.80 -31.32 9.63
C LEU A 264 26.74 -30.63 8.66
N LEU A 265 26.80 -29.28 8.66
CA LEU A 265 27.63 -28.57 7.71
C LEU A 265 29.09 -28.47 8.19
N ALA A 266 29.41 -28.91 9.41
CA ALA A 266 30.77 -28.73 9.91
C ALA A 266 31.83 -29.33 8.97
N PRO A 267 31.64 -30.53 8.38
CA PRO A 267 32.65 -31.03 7.45
C PRO A 267 32.91 -30.09 6.29
N LEU A 268 31.85 -29.53 5.69
CA LEU A 268 32.02 -28.60 4.58
C LEU A 268 32.71 -27.30 5.02
N VAL A 269 32.48 -26.86 6.27
CA VAL A 269 33.21 -25.71 6.79
C VAL A 269 34.69 -26.06 6.95
N GLU A 270 34.96 -27.23 7.55
CA GLU A 270 36.30 -27.59 7.97
C GLU A 270 37.20 -27.73 6.74
N VAL A 271 36.64 -28.13 5.58
CA VAL A 271 37.41 -28.33 4.35
C VAL A 271 37.42 -27.04 3.52
N GLY A 272 36.74 -25.99 3.99
CA GLY A 272 36.84 -24.65 3.42
C GLY A 272 35.87 -24.32 2.28
N LYS A 273 34.79 -25.09 2.12
CA LYS A 273 33.90 -24.92 0.99
C LYS A 273 32.82 -23.86 1.26
N LEU A 274 32.53 -23.57 2.53
CA LEU A 274 31.58 -22.52 2.84
C LEU A 274 31.79 -22.06 4.28
N THR A 275 31.14 -20.93 4.62
CA THR A 275 31.04 -20.43 5.97
C THR A 275 29.56 -20.34 6.34
N LEU A 276 29.33 -20.39 7.66
CA LEU A 276 28.00 -20.49 8.21
C LEU A 276 27.55 -19.13 8.75
N PRO A 277 26.23 -18.89 8.87
CA PRO A 277 25.73 -17.77 9.63
C PRO A 277 26.02 -18.01 11.10
N SER A 278 26.06 -16.93 11.86
CA SER A 278 26.22 -17.02 13.30
CA SER A 278 26.22 -17.02 13.30
C SER A 278 24.86 -16.81 13.95
N ILE A 279 24.23 -17.92 14.34
CA ILE A 279 22.89 -17.90 14.87
C ILE A 279 22.98 -17.67 16.38
N VAL A 280 23.12 -16.40 16.73
CA VAL A 280 23.32 -15.94 18.09
C VAL A 280 22.05 -16.13 18.91
N GLU A 281 22.20 -15.99 20.22
CA GLU A 281 21.06 -15.85 21.09
C GLU A 281 20.17 -14.73 20.55
N GLY A 282 18.88 -15.02 20.47
CA GLY A 282 17.91 -14.01 20.08
C GLY A 282 17.69 -13.93 18.57
N HIS A 283 18.43 -14.70 17.77
CA HIS A 283 18.23 -14.75 16.33
C HIS A 283 16.89 -15.43 16.04
N SER A 284 16.05 -14.84 15.17
CA SER A 284 14.77 -15.46 14.86
C SER A 284 14.84 -16.41 13.65
N VAL A 285 16.00 -16.46 12.98
CA VAL A 285 16.24 -17.46 11.94
C VAL A 285 15.17 -17.39 10.86
N GLN A 286 14.95 -16.19 10.35
CA GLN A 286 14.06 -16.01 9.21
C GLN A 286 14.70 -16.57 7.94
N THR A 287 16.01 -16.42 7.83
CA THR A 287 16.79 -16.97 6.72
C THR A 287 18.06 -17.59 7.28
N TYR A 288 18.50 -18.72 6.70
CA TYR A 288 19.76 -19.36 7.06
C TYR A 288 20.67 -19.24 5.85
N MET A 289 21.58 -18.25 5.87
CA MET A 289 22.39 -17.99 4.71
C MET A 289 23.84 -18.35 5.01
N THR A 290 24.35 -19.27 4.17
CA THR A 290 25.75 -19.64 4.14
C THR A 290 26.46 -18.76 3.13
N VAL A 291 27.78 -18.83 3.11
CA VAL A 291 28.55 -18.17 2.06
C VAL A 291 29.46 -19.22 1.39
N LEU A 292 29.30 -19.41 0.08
CA LEU A 292 30.10 -20.38 -0.67
C LEU A 292 31.50 -19.81 -0.92
N ALA A 293 32.47 -20.72 -0.95
CA ALA A 293 33.82 -20.39 -1.39
C ALA A 293 33.78 -19.78 -2.78
N ASP A 294 34.80 -18.95 -3.08
CA ASP A 294 34.87 -18.23 -4.32
C ASP A 294 34.96 -19.12 -5.56
N ASN A 295 35.40 -20.38 -5.43
CA ASN A 295 35.61 -21.21 -6.60
C ASN A 295 34.30 -21.73 -7.18
N PHE A 296 33.18 -21.62 -6.45
CA PHE A 296 31.89 -22.09 -6.94
C PHE A 296 31.17 -20.96 -7.66
N GLU A 297 30.50 -21.30 -8.77
CA GLU A 297 29.56 -20.40 -9.42
C GLU A 297 28.21 -20.58 -8.73
N ARG A 298 27.81 -19.58 -7.94
CA ARG A 298 26.64 -19.67 -7.11
C ARG A 298 25.38 -19.91 -7.95
N SER A 299 25.26 -19.31 -9.14
CA SER A 299 24.05 -19.51 -9.94
C SER A 299 23.96 -20.97 -10.39
N ASP A 300 25.09 -21.61 -10.68
CA ASP A 300 25.08 -23.02 -11.06
C ASP A 300 24.74 -23.91 -9.86
N VAL A 301 25.21 -23.54 -8.66
CA VAL A 301 24.84 -24.28 -7.45
C VAL A 301 23.33 -24.22 -7.23
N ILE A 302 22.72 -23.05 -7.43
CA ILE A 302 21.29 -22.91 -7.23
C ILE A 302 20.58 -23.84 -8.21
N GLU A 303 21.00 -23.83 -9.48
CA GLU A 303 20.32 -24.59 -10.52
C GLU A 303 20.47 -26.09 -10.24
N ALA A 304 21.64 -26.50 -9.79
CA ALA A 304 21.83 -27.91 -9.49
C ALA A 304 20.99 -28.34 -8.28
N LEU A 305 20.92 -27.52 -7.22
CA LEU A 305 20.07 -27.83 -6.09
C LEU A 305 18.60 -27.91 -6.53
N ARG A 306 18.15 -27.02 -7.44
CA ARG A 306 16.78 -27.08 -7.92
C ARG A 306 16.46 -28.45 -8.52
N SER A 307 17.39 -28.95 -9.33
CA SER A 307 17.26 -30.26 -10.00
C SER A 307 17.22 -31.40 -8.99
N LYS A 308 17.61 -31.15 -7.74
CA LYS A 308 17.62 -32.09 -6.63
C LYS A 308 16.58 -31.71 -5.58
N GLN A 309 15.58 -30.93 -6.01
CA GLN A 309 14.42 -30.58 -5.19
C GLN A 309 14.77 -29.79 -3.93
N VAL A 310 15.76 -28.92 -4.03
CA VAL A 310 16.11 -27.99 -2.97
C VAL A 310 16.05 -26.57 -3.53
N GLU A 311 15.15 -25.75 -2.96
CA GLU A 311 15.08 -24.34 -3.29
C GLU A 311 16.17 -23.60 -2.52
N SER A 312 16.94 -22.80 -3.22
CA SER A 312 18.00 -22.02 -2.61
C SER A 312 18.07 -20.72 -3.39
N ASN A 313 18.68 -19.70 -2.80
CA ASN A 313 18.74 -18.44 -3.50
C ASN A 313 19.82 -17.60 -2.85
N LEU A 314 20.13 -16.48 -3.49
CA LEU A 314 20.87 -15.43 -2.82
C LEU A 314 20.04 -14.97 -1.62
N GLY A 315 20.72 -14.47 -0.59
CA GLY A 315 20.04 -13.98 0.60
C GLY A 315 19.51 -12.55 0.47
N ALA A 316 20.36 -11.65 -0.02
CA ALA A 316 19.97 -10.25 -0.20
C ALA A 316 20.87 -9.60 -1.24
N GLN A 317 20.62 -8.31 -1.51
N GLN A 317 20.62 -8.31 -1.52
CA GLN A 317 21.34 -7.58 -2.55
CA GLN A 317 21.34 -7.58 -2.55
C GLN A 317 22.46 -6.74 -1.91
C GLN A 317 22.48 -6.78 -1.91
N SER A 318 23.39 -6.31 -2.76
CA SER A 318 24.34 -5.26 -2.40
C SER A 318 23.93 -3.92 -3.02
N MET A 319 23.57 -2.96 -2.17
CA MET A 319 23.02 -1.70 -2.63
C MET A 319 24.04 -0.97 -3.50
N SER A 320 25.32 -1.04 -3.18
CA SER A 320 26.33 -0.34 -3.93
C SER A 320 26.51 -0.93 -5.33
N SER A 321 26.08 -2.16 -5.58
N SER A 321 26.09 -2.18 -5.52
CA SER A 321 26.24 -2.78 -6.89
CA SER A 321 26.21 -2.92 -6.77
C SER A 321 25.17 -2.31 -7.88
C SER A 321 25.10 -2.55 -7.78
N LEU A 322 24.06 -1.79 -7.36
CA LEU A 322 22.85 -1.66 -8.16
C LEU A 322 22.88 -0.41 -9.05
N GLY A 323 23.73 0.58 -8.75
CA GLY A 323 23.78 1.78 -9.57
C GLY A 323 22.62 2.75 -9.36
N LEU A 324 21.89 2.59 -8.23
CA LEU A 324 20.70 3.39 -7.95
C LEU A 324 20.94 4.45 -6.89
N PHE A 325 21.93 4.27 -6.03
CA PHE A 325 22.13 5.10 -4.85
C PHE A 325 23.44 5.86 -5.03
N ASN A 326 23.40 6.96 -5.76
CA ASN A 326 24.62 7.51 -6.33
C ASN A 326 25.12 8.73 -5.57
N HIS A 327 24.74 8.87 -4.29
CA HIS A 327 25.38 9.90 -3.48
C HIS A 327 26.90 9.75 -3.57
N LYS A 328 27.59 10.90 -3.52
CA LYS A 328 29.05 10.93 -3.60
C LYS A 328 29.70 9.93 -2.65
N TYR A 329 29.20 9.84 -1.41
CA TYR A 329 29.81 9.02 -0.40
C TYR A 329 29.94 7.58 -0.91
N ASN A 330 28.91 7.12 -1.62
CA ASN A 330 28.78 5.73 -2.00
C ASN A 330 29.76 5.36 -3.10
N THR A 331 30.28 6.38 -3.79
CA THR A 331 31.26 6.24 -4.87
C THR A 331 32.67 6.16 -4.26
N GLU A 332 32.87 6.71 -3.06
CA GLU A 332 34.20 6.93 -2.49
C GLU A 332 34.65 5.73 -1.67
N GLN A 333 33.67 4.88 -1.35
CA GLN A 333 33.82 3.70 -0.51
C GLN A 333 33.81 2.45 -1.38
N GLN A 334 34.58 1.42 -1.01
CA GLN A 334 34.26 0.05 -1.40
C GLN A 334 33.47 -0.64 -0.28
N TYR A 335 32.75 -1.69 -0.68
CA TYR A 335 31.87 -2.44 0.19
C TYR A 335 32.19 -3.92 0.03
N PRO A 336 33.39 -4.37 0.40
CA PRO A 336 33.80 -5.74 0.09
C PRO A 336 32.94 -6.78 0.83
N GLU A 337 32.42 -6.47 2.01
CA GLU A 337 31.67 -7.47 2.76
C GLU A 337 30.30 -7.67 2.13
N GLY A 338 29.56 -6.59 1.94
CA GLY A 338 28.27 -6.70 1.30
C GLY A 338 28.39 -7.30 -0.10
N THR A 339 29.48 -6.99 -0.80
CA THR A 339 29.69 -7.56 -2.14
C THR A 339 29.87 -9.07 -2.06
N ARG A 340 30.69 -9.53 -1.11
CA ARG A 340 30.91 -10.96 -0.92
C ARG A 340 29.59 -11.66 -0.61
N LEU A 341 28.77 -11.10 0.28
CA LEU A 341 27.52 -11.75 0.66
C LEU A 341 26.55 -11.79 -0.52
N TYR A 342 26.43 -10.69 -1.26
CA TYR A 342 25.60 -10.66 -2.45
C TYR A 342 26.04 -11.69 -3.49
N THR A 343 27.35 -11.81 -3.73
CA THR A 343 27.88 -12.60 -4.83
C THR A 343 27.93 -14.08 -4.46
N HIS A 344 28.20 -14.39 -3.18
CA HIS A 344 28.52 -15.76 -2.81
C HIS A 344 27.56 -16.35 -1.78
N GLY A 345 26.63 -15.55 -1.25
CA GLY A 345 25.71 -16.04 -0.24
C GLY A 345 24.72 -17.04 -0.82
N LEU A 346 24.37 -18.04 -0.02
CA LEU A 346 23.44 -19.07 -0.41
C LEU A 346 22.53 -19.41 0.76
N ALA A 347 21.26 -19.07 0.62
CA ALA A 347 20.24 -19.35 1.59
C ALA A 347 19.75 -20.79 1.37
N LEU A 348 19.61 -21.53 2.47
CA LEU A 348 19.15 -22.90 2.42
C LEU A 348 17.82 -22.99 3.13
N PRO A 349 16.94 -23.94 2.73
CA PRO A 349 15.63 -24.02 3.36
C PRO A 349 15.72 -24.14 4.86
N LEU A 350 14.94 -23.29 5.53
CA LEU A 350 14.84 -23.40 6.97
C LEU A 350 13.53 -22.75 7.41
N HIS A 351 12.56 -23.61 7.71
CA HIS A 351 11.29 -23.13 8.18
C HIS A 351 10.69 -24.21 9.06
N GLU A 352 9.70 -23.77 9.85
CA GLU A 352 9.09 -24.57 10.89
C GLU A 352 8.37 -25.82 10.37
N GLY A 353 8.04 -25.91 9.08
CA GLY A 353 7.42 -27.13 8.57
C GLY A 353 8.42 -28.26 8.24
N MET A 354 9.71 -27.98 8.34
CA MET A 354 10.75 -28.97 8.10
C MET A 354 11.06 -29.73 9.38
N ASN A 355 11.63 -30.94 9.23
CA ASN A 355 12.19 -31.66 10.35
C ASN A 355 13.68 -31.93 10.14
N ALA A 356 14.29 -32.65 11.08
CA ALA A 356 15.73 -32.88 11.04
C ALA A 356 16.11 -33.70 9.81
N GLU A 357 15.22 -34.62 9.40
CA GLU A 357 15.48 -35.39 8.20
C GLU A 357 15.57 -34.49 6.96
N ASP A 358 14.73 -33.45 6.90
CA ASP A 358 14.75 -32.53 5.78
C ASP A 358 16.06 -31.74 5.74
N VAL A 359 16.57 -31.34 6.90
CA VAL A 359 17.86 -30.66 6.94
C VAL A 359 18.95 -31.58 6.39
N ALA A 360 18.92 -32.84 6.81
CA ALA A 360 19.86 -33.82 6.31
C ALA A 360 19.76 -33.94 4.80
N THR A 361 18.54 -33.97 4.27
CA THR A 361 18.36 -34.03 2.83
C THR A 361 19.07 -32.85 2.14
N VAL A 362 18.84 -31.63 2.66
CA VAL A 362 19.46 -30.45 2.09
C VAL A 362 20.97 -30.54 2.13
N VAL A 363 21.52 -30.92 3.27
CA VAL A 363 22.96 -30.98 3.38
C VAL A 363 23.54 -32.04 2.42
N SER A 364 22.86 -33.19 2.28
CA SER A 364 23.27 -34.22 1.35
C SER A 364 23.36 -33.66 -0.07
N ALA A 365 22.31 -32.93 -0.49
CA ALA A 365 22.25 -32.37 -1.82
C ALA A 365 23.38 -31.36 -2.02
N LEU A 366 23.55 -30.46 -1.04
CA LEU A 366 24.59 -29.43 -1.18
C LEU A 366 25.97 -30.08 -1.23
N THR A 367 26.20 -31.10 -0.40
CA THR A 367 27.47 -31.81 -0.39
C THR A 367 27.75 -32.37 -1.79
N GLU A 368 26.74 -33.02 -2.36
CA GLU A 368 26.88 -33.62 -3.67
C GLU A 368 27.21 -32.56 -4.72
N VAL A 369 26.50 -31.43 -4.67
CA VAL A 369 26.68 -30.41 -5.68
C VAL A 369 28.08 -29.80 -5.59
N LEU A 370 28.52 -29.56 -4.38
CA LEU A 370 29.82 -28.95 -4.17
C LEU A 370 30.96 -29.93 -4.41
N GLU A 371 30.68 -31.24 -4.43
CA GLU A 371 31.73 -32.22 -4.72
C GLU A 371 31.98 -32.27 -6.23
N HIS A 372 30.92 -32.02 -7.00
CA HIS A 372 30.94 -32.14 -8.45
C HIS A 372 31.20 -30.76 -9.06
N MET B 1 -30.47 -2.04 9.47
CA MET B 1 -29.97 -0.78 8.87
C MET B 1 -29.91 -0.98 7.36
N ILE B 2 -30.56 -0.09 6.60
CA ILE B 2 -30.32 0.03 5.17
C ILE B 2 -29.03 0.80 5.00
N LYS B 3 -28.01 0.09 4.51
CA LYS B 3 -26.65 0.59 4.51
C LYS B 3 -26.31 1.17 3.15
N LEU B 4 -25.27 1.99 3.12
CA LEU B 4 -24.89 2.68 1.91
C LEU B 4 -24.35 1.70 0.87
N SER B 5 -23.61 0.70 1.35
CA SER B 5 -23.12 -0.40 0.53
C SER B 5 -23.01 -1.65 1.40
N GLN B 6 -23.06 -2.81 0.74
CA GLN B 6 -22.95 -4.09 1.41
C GLN B 6 -22.51 -5.12 0.37
N PRO B 7 -21.25 -5.06 -0.11
CA PRO B 7 -20.84 -5.91 -1.22
C PRO B 7 -20.94 -7.38 -0.84
N GLN B 8 -21.50 -8.19 -1.76
CA GLN B 8 -21.63 -9.61 -1.57
C GLN B 8 -20.59 -10.29 -2.46
N ILE B 9 -19.61 -10.88 -1.80
CA ILE B 9 -18.55 -11.58 -2.47
C ILE B 9 -19.09 -12.98 -2.76
N PRO B 10 -19.05 -13.45 -4.02
CA PRO B 10 -19.58 -14.77 -4.35
C PRO B 10 -18.94 -15.84 -3.48
N GLU B 11 -19.76 -16.83 -3.13
CA GLU B 11 -19.28 -17.93 -2.31
C GLU B 11 -18.12 -18.65 -3.01
N PHE B 12 -18.17 -18.84 -4.34
CA PHE B 12 -17.11 -19.55 -5.03
C PHE B 12 -15.78 -18.81 -4.85
N ALA B 13 -15.84 -17.48 -4.73
CA ALA B 13 -14.67 -16.64 -4.49
C ALA B 13 -14.12 -16.86 -3.09
N ILE B 14 -15.02 -16.93 -2.11
CA ILE B 14 -14.62 -17.19 -0.73
C ILE B 14 -13.92 -18.54 -0.68
N GLU B 15 -14.47 -19.56 -1.36
CA GLU B 15 -13.82 -20.87 -1.39
C GLU B 15 -12.46 -20.79 -2.07
N LYS B 16 -12.32 -20.00 -3.14
CA LYS B 16 -11.03 -19.85 -3.80
C LYS B 16 -10.02 -19.19 -2.88
N VAL B 17 -10.45 -18.15 -2.16
CA VAL B 17 -9.58 -17.51 -1.19
C VAL B 17 -9.11 -18.54 -0.16
N ALA B 18 -10.04 -19.35 0.36
CA ALA B 18 -9.66 -20.35 1.35
C ALA B 18 -8.63 -21.32 0.77
N ASP B 19 -8.85 -21.76 -0.47
CA ASP B 19 -7.92 -22.65 -1.15
C ASP B 19 -6.55 -22.01 -1.26
N ILE B 20 -6.51 -20.71 -1.58
CA ILE B 20 -5.25 -20.02 -1.76
C ILE B 20 -4.53 -19.96 -0.42
N LEU B 21 -5.26 -19.59 0.65
CA LEU B 21 -4.63 -19.51 1.95
C LEU B 21 -4.08 -20.86 2.40
N ARG B 22 -4.79 -21.94 2.03
CA ARG B 22 -4.45 -23.26 2.52
C ARG B 22 -3.25 -23.80 1.77
N GLY B 23 -3.16 -23.59 0.47
CA GLY B 23 -2.22 -24.36 -0.33
C GLY B 23 -1.74 -23.64 -1.58
N GLY B 24 -1.97 -22.33 -1.68
CA GLY B 24 -1.69 -21.59 -2.90
C GLY B 24 -0.68 -20.46 -2.70
N GLN B 25 -0.47 -19.68 -3.75
CA GLN B 25 0.46 -18.56 -3.69
C GLN B 25 -0.29 -17.36 -3.11
N LEU B 26 0.35 -16.73 -2.12
CA LEU B 26 -0.28 -15.61 -1.43
C LEU B 26 0.02 -14.30 -2.14
N VAL B 27 1.27 -14.09 -2.56
CA VAL B 27 1.61 -12.84 -3.22
C VAL B 27 1.07 -12.86 -4.64
N HIS B 28 0.95 -11.65 -5.21
CA HIS B 28 0.42 -11.45 -6.55
C HIS B 28 0.82 -12.61 -7.45
N GLY B 29 -0.19 -13.33 -7.92
CA GLY B 29 0.06 -14.48 -8.78
C GLY B 29 -0.96 -14.58 -9.92
N ASP B 30 -1.32 -15.83 -10.25
CA ASP B 30 -2.14 -16.05 -11.43
C ASP B 30 -3.46 -15.28 -11.32
N GLU B 31 -4.03 -15.21 -10.12
CA GLU B 31 -5.32 -14.54 -9.99
C GLU B 31 -5.18 -13.06 -10.30
N CYS B 32 -4.12 -12.39 -9.81
CA CYS B 32 -3.92 -11.00 -10.15
C CYS B 32 -3.66 -10.81 -11.64
N ASN B 33 -2.82 -11.66 -12.24
CA ASN B 33 -2.51 -11.54 -13.64
C ASN B 33 -3.76 -11.71 -14.51
N LEU B 34 -4.60 -12.69 -14.18
CA LEU B 34 -5.86 -12.91 -14.90
C LEU B 34 -6.80 -11.72 -14.66
N PHE B 35 -6.88 -11.24 -13.42
CA PHE B 35 -7.71 -10.07 -13.13
C PHE B 35 -7.31 -8.87 -14.00
N GLU B 36 -6.01 -8.62 -14.17
CA GLU B 36 -5.51 -7.53 -15.00
C GLU B 36 -5.94 -7.71 -16.45
N GLN B 37 -5.80 -8.92 -16.99
CA GLN B 37 -6.22 -9.22 -18.35
CA GLN B 37 -6.20 -9.14 -18.36
C GLN B 37 -7.71 -8.92 -18.50
N GLU B 38 -8.48 -9.40 -17.52
CA GLU B 38 -9.94 -9.31 -17.60
C GLU B 38 -10.39 -7.87 -17.43
N LEU B 39 -9.75 -7.08 -16.56
CA LEU B 39 -10.04 -5.65 -16.44
C LEU B 39 -9.74 -4.94 -17.73
N ALA B 40 -8.61 -5.28 -18.37
CA ALA B 40 -8.23 -4.59 -19.59
C ALA B 40 -9.26 -4.84 -20.69
N GLU B 41 -9.72 -6.09 -20.74
CA GLU B 41 -10.74 -6.47 -21.76
C GLU B 41 -12.07 -5.78 -21.44
N TYR B 42 -12.44 -5.75 -20.17
CA TYR B 42 -13.69 -5.12 -19.77
C TYR B 42 -13.71 -3.65 -20.21
N LEU B 43 -12.58 -2.97 -20.05
CA LEU B 43 -12.49 -1.54 -20.30
C LEU B 43 -12.17 -1.22 -21.75
N GLY B 44 -11.67 -2.22 -22.49
CA GLY B 44 -11.22 -1.97 -23.84
C GLY B 44 -9.94 -1.13 -23.87
N VAL B 45 -9.05 -1.41 -22.93
CA VAL B 45 -7.81 -0.68 -22.76
C VAL B 45 -6.65 -1.68 -22.85
N LYS B 46 -5.47 -1.23 -23.29
CA LYS B 46 -4.40 -2.17 -23.60
C LYS B 46 -3.82 -2.83 -22.34
N HIS B 47 -3.76 -2.10 -21.22
CA HIS B 47 -3.03 -2.55 -20.06
C HIS B 47 -3.76 -2.20 -18.77
N ALA B 48 -3.62 -3.10 -17.79
CA ALA B 48 -4.11 -2.88 -16.44
C ALA B 48 -3.10 -3.46 -15.46
N LEU B 49 -2.98 -2.81 -14.29
CA LEU B 49 -2.15 -3.29 -13.20
C LEU B 49 -2.94 -3.14 -11.92
N VAL B 50 -3.09 -4.21 -11.16
CA VAL B 50 -3.77 -4.11 -9.89
C VAL B 50 -2.76 -3.76 -8.80
N VAL B 51 -3.24 -2.98 -7.83
CA VAL B 51 -2.42 -2.37 -6.80
C VAL B 51 -3.15 -2.37 -5.46
N SER B 52 -2.46 -1.94 -4.40
CA SER B 52 -2.95 -2.04 -3.02
C SER B 52 -4.28 -1.34 -2.79
N ASN B 53 -4.49 -0.16 -3.40
CA ASN B 53 -5.72 0.60 -3.20
C ASN B 53 -5.77 1.68 -4.28
N GLY B 54 -6.90 2.43 -4.33
CA GLY B 54 -7.07 3.44 -5.35
C GLY B 54 -6.16 4.65 -5.17
N THR B 55 -5.75 4.93 -3.92
CA THR B 55 -4.79 5.99 -3.65
C THR B 55 -3.44 5.60 -4.26
N ALA B 56 -3.05 4.34 -4.09
CA ALA B 56 -1.82 3.84 -4.65
C ALA B 56 -1.84 3.98 -6.17
N ALA B 57 -2.99 3.71 -6.79
CA ALA B 57 -3.10 3.85 -8.23
C ALA B 57 -2.77 5.28 -8.64
N LEU B 58 -3.39 6.28 -8.00
CA LEU B 58 -3.13 7.67 -8.32
C LEU B 58 -1.66 8.00 -8.09
N HIS B 59 -1.12 7.50 -6.99
CA HIS B 59 0.27 7.75 -6.64
C HIS B 59 1.22 7.30 -7.74
N LEU B 60 1.01 6.05 -8.15
CA LEU B 60 1.83 5.48 -9.21
C LEU B 60 1.69 6.22 -10.54
N ALA B 61 0.48 6.67 -10.87
CA ALA B 61 0.29 7.44 -12.10
C ALA B 61 1.11 8.73 -12.04
N LEU B 62 1.08 9.42 -10.88
CA LEU B 62 1.83 10.65 -10.74
C LEU B 62 3.32 10.39 -10.88
N LEU B 63 3.82 9.36 -10.21
CA LEU B 63 5.23 9.05 -10.23
C LEU B 63 5.65 8.69 -11.66
N ALA B 64 4.86 7.88 -12.34
CA ALA B 64 5.23 7.43 -13.68
C ALA B 64 5.32 8.60 -14.65
N LEU B 65 4.54 9.66 -14.40
CA LEU B 65 4.58 10.85 -15.24
C LEU B 65 5.59 11.89 -14.75
N ASN B 66 6.42 11.54 -13.75
CA ASN B 66 7.46 12.40 -13.20
C ASN B 66 6.88 13.72 -12.72
N ILE B 67 5.73 13.63 -12.05
CA ILE B 67 5.11 14.77 -11.42
C ILE B 67 5.56 14.80 -9.96
N GLY B 68 6.13 15.92 -9.53
CA GLY B 68 6.71 15.96 -8.20
C GLY B 68 7.05 17.39 -7.79
N PRO B 69 8.13 17.60 -6.99
CA PRO B 69 8.47 18.96 -6.58
C PRO B 69 8.64 19.91 -7.74
N GLY B 70 8.06 21.09 -7.56
CA GLY B 70 8.13 22.10 -8.61
C GLY B 70 6.95 22.08 -9.56
N ASP B 71 6.07 21.08 -9.46
CA ASP B 71 4.98 20.86 -10.40
C ASP B 71 3.63 21.14 -9.74
N ALA B 72 2.58 21.20 -10.59
CA ALA B 72 1.22 21.46 -10.16
C ALA B 72 0.30 20.55 -10.96
N VAL B 73 -0.80 20.17 -10.29
CA VAL B 73 -1.86 19.35 -10.85
C VAL B 73 -3.20 19.99 -10.47
N ILE B 74 -4.11 20.12 -11.44
CA ILE B 74 -5.44 20.63 -11.15
C ILE B 74 -6.33 19.47 -10.69
N VAL B 75 -7.05 19.72 -9.58
CA VAL B 75 -8.00 18.80 -8.98
C VAL B 75 -9.34 19.51 -8.81
N PRO B 76 -10.46 18.76 -8.77
CA PRO B 76 -11.75 19.38 -8.44
C PRO B 76 -11.88 19.70 -6.96
N ASP B 77 -12.72 20.69 -6.63
CA ASP B 77 -12.93 21.04 -5.25
C ASP B 77 -13.66 19.92 -4.51
N PHE B 78 -14.61 19.25 -5.19
CA PHE B 78 -15.47 18.28 -4.53
C PHE B 78 -14.99 16.88 -4.89
N THR B 79 -14.45 16.17 -3.89
CA THR B 79 -13.89 14.84 -4.09
C THR B 79 -13.55 14.28 -2.72
N PHE B 80 -13.19 13.00 -2.67
CA PHE B 80 -12.55 12.48 -1.49
C PHE B 80 -11.14 13.07 -1.39
N THR B 81 -10.68 13.33 -0.17
CA THR B 81 -9.47 14.10 0.08
C THR B 81 -8.24 13.45 -0.55
N ALA B 82 -8.22 12.11 -0.71
CA ALA B 82 -7.10 11.44 -1.36
C ALA B 82 -6.65 12.11 -2.67
N THR B 83 -7.61 12.60 -3.48
CA THR B 83 -7.27 13.15 -4.79
C THR B 83 -6.24 14.24 -4.65
N ALA B 84 -6.52 15.23 -3.79
CA ALA B 84 -5.61 16.35 -3.56
C ALA B 84 -4.41 15.95 -2.71
N ASN B 85 -4.64 15.10 -1.70
CA ASN B 85 -3.55 14.70 -0.84
C ASN B 85 -2.45 14.07 -1.67
N ILE B 86 -2.78 13.19 -2.60
CA ILE B 86 -1.74 12.41 -3.24
C ILE B 86 -0.86 13.28 -4.13
N VAL B 87 -1.45 14.33 -4.72
CA VAL B 87 -0.69 15.30 -5.46
C VAL B 87 0.34 15.96 -4.54
N GLU B 88 -0.10 16.40 -3.38
CA GLU B 88 0.81 17.01 -2.40
C GLU B 88 1.87 16.03 -1.91
N MET B 89 1.50 14.76 -1.78
CA MET B 89 2.45 13.78 -1.25
C MET B 89 3.65 13.59 -2.18
N VAL B 90 3.47 13.72 -3.49
CA VAL B 90 4.59 13.57 -4.40
C VAL B 90 5.40 14.86 -4.48
N GLY B 91 4.97 15.92 -3.84
CA GLY B 91 5.68 17.19 -3.79
C GLY B 91 5.09 18.23 -4.73
N ALA B 92 4.04 17.85 -5.47
CA ALA B 92 3.38 18.78 -6.38
C ALA B 92 2.34 19.61 -5.61
N LYS B 93 1.85 20.68 -6.20
CA LYS B 93 0.79 21.49 -5.63
C LYS B 93 -0.56 21.19 -6.28
N ALA B 94 -1.55 20.92 -5.44
CA ALA B 94 -2.92 20.74 -5.89
C ALA B 94 -3.55 22.12 -6.12
N ILE B 95 -3.99 22.30 -7.36
CA ILE B 95 -4.61 23.54 -7.78
C ILE B 95 -6.09 23.24 -7.96
N ILE B 96 -6.91 23.86 -7.11
CA ILE B 96 -8.32 23.50 -7.03
C ILE B 96 -9.14 24.32 -8.01
N VAL B 97 -10.05 23.63 -8.69
CA VAL B 97 -11.04 24.22 -9.58
C VAL B 97 -12.42 23.73 -9.17
N ASP B 98 -13.42 24.61 -9.24
CA ASP B 98 -14.75 24.26 -8.74
C ASP B 98 -15.39 23.22 -9.68
N VAL B 99 -16.42 22.56 -9.14
CA VAL B 99 -17.26 21.60 -9.84
C VAL B 99 -18.56 22.23 -10.30
N ASP B 100 -19.20 21.50 -11.22
CA ASP B 100 -20.54 21.76 -11.71
CA ASP B 100 -20.52 21.83 -11.72
C ASP B 100 -21.55 21.43 -10.65
N LYS B 101 -22.55 22.29 -10.43
CA LYS B 101 -23.57 21.95 -9.45
C LYS B 101 -24.44 20.76 -9.87
N THR B 102 -24.58 20.49 -11.17
CA THR B 102 -25.44 19.42 -11.68
C THR B 102 -24.72 18.08 -11.59
N SER B 103 -23.53 17.96 -12.18
CA SER B 103 -22.82 16.69 -12.30
C SER B 103 -21.98 16.36 -11.07
N TYR B 104 -21.58 17.41 -10.35
CA TYR B 104 -20.67 17.32 -9.23
C TYR B 104 -19.22 17.09 -9.69
N ASN B 105 -18.99 17.17 -10.99
CA ASN B 105 -17.67 16.97 -11.57
C ASN B 105 -17.02 18.30 -11.93
N LEU B 106 -15.70 18.28 -12.03
CA LEU B 106 -14.88 19.42 -12.40
C LEU B 106 -15.53 20.21 -13.54
N ASP B 107 -15.69 21.52 -13.33
CA ASP B 107 -16.38 22.35 -14.32
C ASP B 107 -15.44 22.67 -15.47
N PRO B 108 -15.75 22.26 -16.72
CA PRO B 108 -14.84 22.45 -17.83
C PRO B 108 -14.51 23.90 -18.12
N GLN B 109 -15.46 24.81 -17.98
CA GLN B 109 -15.21 26.21 -18.27
C GLN B 109 -14.29 26.83 -17.23
N LYS B 110 -14.50 26.49 -15.96
CA LYS B 110 -13.62 26.95 -14.89
C LYS B 110 -12.24 26.31 -15.00
N LEU B 111 -12.20 25.07 -15.47
CA LEU B 111 -10.92 24.42 -15.76
C LEU B 111 -10.13 25.19 -16.83
N GLN B 112 -10.81 25.48 -17.95
CA GLN B 112 -10.18 26.26 -19.00
C GLN B 112 -9.63 27.57 -18.47
N ALA B 113 -10.42 28.29 -17.65
CA ALA B 113 -9.98 29.58 -17.13
C ALA B 113 -8.73 29.39 -16.29
N CYS B 114 -8.70 28.38 -15.41
CA CYS B 114 -7.55 28.14 -14.57
C CYS B 114 -6.29 27.94 -15.42
N ILE B 115 -6.38 27.07 -16.42
CA ILE B 115 -5.23 26.78 -17.26
C ILE B 115 -4.81 28.06 -17.97
N ASN B 116 -5.77 28.82 -18.52
CA ASN B 116 -5.49 30.07 -19.22
CA ASN B 116 -5.45 30.04 -19.23
C ASN B 116 -4.70 31.02 -18.34
N GLU B 117 -5.09 31.16 -17.09
CA GLU B 117 -4.46 32.11 -16.20
C GLU B 117 -3.12 31.61 -15.67
N TRP B 118 -2.82 30.31 -15.76
CA TRP B 118 -1.65 29.77 -15.11
C TRP B 118 -0.37 30.38 -15.69
N GLN B 119 0.49 30.90 -14.80
CA GLN B 119 1.80 31.36 -15.22
C GLN B 119 2.82 31.06 -14.13
N GLY B 120 2.57 30.01 -13.35
CA GLY B 120 3.54 29.49 -12.40
C GLY B 120 3.28 29.93 -10.96
N PRO B 121 4.28 29.81 -10.07
CA PRO B 121 5.67 29.51 -10.43
C PRO B 121 5.94 28.05 -10.75
N GLU B 122 5.08 27.14 -10.29
CA GLU B 122 5.22 25.72 -10.54
C GLU B 122 4.90 25.42 -11.99
N THR B 123 5.41 24.28 -12.47
CA THR B 123 5.09 23.82 -13.81
C THR B 123 3.76 23.05 -13.77
N LEU B 124 2.74 23.55 -14.47
CA LEU B 124 1.44 22.88 -14.49
C LEU B 124 1.54 21.71 -15.48
N LYS B 125 1.39 20.47 -14.97
CA LYS B 125 1.66 19.29 -15.78
C LYS B 125 0.46 18.43 -16.10
N ALA B 126 -0.62 18.48 -15.31
CA ALA B 126 -1.70 17.51 -15.43
C ALA B 126 -2.99 18.06 -14.86
N ILE B 127 -4.06 17.43 -15.36
CA ILE B 127 -5.36 17.51 -14.74
C ILE B 127 -5.69 16.13 -14.18
N MET B 128 -6.33 16.16 -13.01
CA MET B 128 -6.82 14.95 -12.35
C MET B 128 -8.31 15.08 -12.09
N PRO B 129 -9.12 14.99 -13.15
CA PRO B 129 -10.56 15.05 -12.99
C PRO B 129 -11.01 13.82 -12.20
N VAL B 130 -12.08 14.00 -11.43
CA VAL B 130 -12.73 12.92 -10.72
C VAL B 130 -14.06 12.63 -11.41
N LEU B 131 -14.32 11.35 -11.68
CA LEU B 131 -15.60 10.94 -12.20
C LEU B 131 -16.44 10.59 -10.96
N GLU B 132 -16.95 11.64 -10.32
CA GLU B 132 -17.39 11.52 -8.95
C GLU B 132 -18.65 10.66 -8.88
N PHE B 133 -18.69 9.73 -7.91
CA PHE B 133 -19.86 8.88 -7.67
C PHE B 133 -20.23 7.99 -8.83
N GLY B 134 -19.32 7.85 -9.79
CA GLY B 134 -19.59 7.07 -10.99
C GLY B 134 -20.12 7.87 -12.18
N ASN B 135 -20.08 9.21 -12.03
CA ASN B 135 -20.60 10.06 -13.09
C ASN B 135 -19.55 10.33 -14.16
N PRO B 136 -19.77 9.91 -15.43
CA PRO B 136 -18.77 10.10 -16.49
C PRO B 136 -18.86 11.48 -17.12
N THR B 137 -19.76 12.34 -16.64
CA THR B 137 -20.03 13.60 -17.33
C THR B 137 -18.75 14.41 -17.46
N HIS B 138 -18.50 14.87 -18.70
CA HIS B 138 -17.37 15.74 -19.08
C HIS B 138 -16.10 14.96 -19.39
N LEU B 139 -16.10 13.64 -19.30
CA LEU B 139 -14.92 12.83 -19.57
C LEU B 139 -14.24 13.29 -20.86
N ASN B 140 -14.99 13.35 -21.97
CA ASN B 140 -14.38 13.63 -23.28
C ASN B 140 -13.91 15.07 -23.33
N ALA B 141 -14.62 16.00 -22.69
CA ALA B 141 -14.19 17.38 -22.63
C ALA B 141 -12.85 17.47 -21.89
N TYR B 142 -12.69 16.74 -20.79
CA TYR B 142 -11.45 16.78 -20.03
C TYR B 142 -10.29 16.32 -20.93
N ARG B 143 -10.51 15.23 -21.68
CA ARG B 143 -9.49 14.77 -22.60
C ARG B 143 -9.13 15.86 -23.60
N ASP B 144 -10.14 16.50 -24.21
CA ASP B 144 -9.92 17.53 -25.21
C ASP B 144 -9.16 18.72 -24.64
N ILE B 145 -9.55 19.16 -23.43
CA ILE B 145 -8.89 20.28 -22.78
C ILE B 145 -7.45 19.93 -22.47
N ALA B 146 -7.20 18.72 -21.98
CA ALA B 146 -5.83 18.32 -21.68
C ALA B 146 -5.01 18.36 -22.96
N LYS B 147 -5.55 17.81 -24.05
CA LYS B 147 -4.79 17.78 -25.30
C LYS B 147 -4.51 19.21 -25.80
N GLN B 148 -5.51 20.08 -25.74
CA GLN B 148 -5.41 21.48 -26.18
C GLN B 148 -4.30 22.23 -25.48
N HIS B 149 -3.98 21.85 -24.23
CA HIS B 149 -3.05 22.60 -23.42
C HIS B 149 -1.82 21.76 -23.09
N GLY B 150 -1.62 20.63 -23.76
CA GLY B 150 -0.38 19.88 -23.56
C GLY B 150 -0.24 19.24 -22.17
N LEU B 151 -1.37 18.96 -21.51
CA LEU B 151 -1.33 18.41 -20.16
C LEU B 151 -1.56 16.91 -20.21
N PHE B 152 -0.99 16.22 -19.22
CA PHE B 152 -1.40 14.85 -18.97
C PHE B 152 -2.77 14.86 -18.30
N MET B 153 -3.47 13.73 -18.43
CA MET B 153 -4.72 13.54 -17.73
C MET B 153 -4.68 12.21 -17.00
N ILE B 154 -4.91 12.29 -15.69
CA ILE B 154 -5.04 11.12 -14.84
C ILE B 154 -6.48 11.12 -14.36
N GLU B 155 -7.27 10.13 -14.78
CA GLU B 155 -8.63 10.04 -14.31
C GLU B 155 -8.64 9.46 -12.91
N ASP B 156 -9.19 10.19 -11.96
CA ASP B 156 -9.51 9.61 -10.66
C ASP B 156 -10.90 8.98 -10.80
N ALA B 157 -10.88 7.73 -11.24
CA ALA B 157 -12.04 6.93 -11.51
C ALA B 157 -12.29 5.98 -10.33
N ALA B 158 -11.89 6.40 -9.12
CA ALA B 158 -12.02 5.56 -7.94
C ALA B 158 -13.43 4.99 -7.85
N CYS B 159 -14.44 5.81 -8.13
CA CYS B 159 -15.84 5.43 -7.93
C CYS B 159 -16.51 5.13 -9.26
N ALA B 160 -15.80 4.83 -10.34
CA ALA B 160 -16.39 4.87 -11.67
C ALA B 160 -16.05 3.68 -12.56
N LEU B 161 -15.55 2.56 -12.04
CA LEU B 161 -15.38 1.37 -12.87
C LEU B 161 -16.73 0.98 -13.47
N GLY B 162 -16.75 0.87 -14.79
CA GLY B 162 -17.96 0.50 -15.52
C GLY B 162 -18.74 1.68 -16.04
N ALA B 163 -18.41 2.90 -15.65
CA ALA B 163 -19.04 4.09 -16.21
C ALA B 163 -18.49 4.40 -17.59
N SER B 164 -19.22 5.19 -18.38
CA SER B 164 -18.80 5.52 -19.73
C SER B 164 -19.47 6.78 -20.24
N GLU B 165 -18.79 7.52 -21.12
CA GLU B 165 -19.41 8.67 -21.76
C GLU B 165 -19.21 8.58 -23.27
N GLN B 166 -20.32 8.65 -24.03
CA GLN B 166 -20.25 8.81 -25.49
C GLN B 166 -19.32 7.77 -26.11
N GLY B 167 -19.39 6.52 -25.65
CA GLY B 167 -18.60 5.45 -26.22
C GLY B 167 -17.23 5.24 -25.53
N THR B 168 -16.80 6.18 -24.69
CA THR B 168 -15.51 6.05 -24.01
C THR B 168 -15.71 5.45 -22.60
N MET B 169 -15.14 4.29 -22.30
CA MET B 169 -15.12 3.78 -20.92
C MET B 169 -14.30 4.70 -20.03
N VAL B 170 -14.88 5.08 -18.89
CA VAL B 170 -14.12 5.84 -17.91
C VAL B 170 -12.86 5.06 -17.54
N GLY B 171 -11.78 5.80 -17.50
CA GLY B 171 -10.45 5.30 -17.16
C GLY B 171 -9.54 5.23 -18.39
N THR B 172 -10.14 5.34 -19.59
CA THR B 172 -9.44 5.00 -20.82
C THR B 172 -9.21 6.20 -21.75
N ALA B 173 -9.52 7.41 -21.31
CA ALA B 173 -9.55 8.53 -22.24
C ALA B 173 -8.16 9.04 -22.60
N ALA B 174 -7.21 8.94 -21.68
CA ALA B 174 -5.91 9.60 -21.84
C ALA B 174 -4.82 8.76 -21.18
N GLU B 175 -3.84 9.39 -20.53
CA GLU B 175 -2.65 8.65 -20.08
C GLU B 175 -2.99 7.56 -19.08
N PHE B 176 -3.80 7.88 -18.07
CA PHE B 176 -4.02 6.92 -17.01
C PHE B 176 -5.46 6.97 -16.50
N GLY B 177 -5.94 5.79 -16.14
CA GLY B 177 -7.17 5.68 -15.35
C GLY B 177 -6.88 4.96 -14.05
N CYS B 178 -7.46 5.43 -12.95
CA CYS B 178 -7.20 4.90 -11.61
C CYS B 178 -8.54 4.52 -10.96
N PHE B 179 -8.61 3.29 -10.47
CA PHE B 179 -9.83 2.75 -9.88
C PHE B 179 -9.55 2.28 -8.46
N SER B 180 -10.61 2.27 -7.63
CA SER B 180 -10.57 1.80 -6.27
C SER B 180 -11.50 0.61 -6.16
N PHE B 181 -11.07 -0.38 -5.36
CA PHE B 181 -11.87 -1.54 -4.99
C PHE B 181 -12.14 -1.52 -3.49
N HIS B 182 -12.28 -0.32 -2.91
CA HIS B 182 -12.69 -0.16 -1.53
C HIS B 182 -14.12 -0.68 -1.38
N PRO B 183 -14.58 -1.09 -0.17
CA PRO B 183 -15.88 -1.76 -0.09
C PRO B 183 -17.10 -0.90 -0.43
N ARG B 184 -16.95 0.43 -0.40
CA ARG B 184 -18.03 1.33 -0.80
C ARG B 184 -18.11 1.43 -2.33
N1 LLP B 185 -10.41 9.17 -5.05
C2 LLP B 185 -11.72 9.19 -4.96
C2' LLP B 185 -12.49 10.18 -5.77
C3 LLP B 185 -12.37 8.29 -4.12
O3 LLP B 185 -13.75 8.30 -4.05
C4 LLP B 185 -11.61 7.35 -3.39
C4' LLP B 185 -12.30 6.31 -2.64
C5 LLP B 185 -10.22 7.41 -3.49
C6 LLP B 185 -9.66 8.32 -4.33
C5' LLP B 185 -9.31 6.53 -2.67
OP4 LLP B 185 -9.40 5.13 -3.02
P LLP B 185 -8.93 4.07 -1.92
OP1 LLP B 185 -9.03 2.76 -2.62
OP2 LLP B 185 -7.58 4.44 -1.44
OP3 LLP B 185 -9.97 4.17 -0.81
N LLP B 185 -17.18 0.77 -3.11
CA LLP B 185 -17.03 1.22 -4.51
CB LLP B 185 -15.63 1.81 -4.67
CG LLP B 185 -15.50 2.98 -3.69
CD LLP B 185 -14.37 3.98 -3.85
CE LLP B 185 -14.15 4.76 -2.59
NZ LLP B 185 -13.55 6.07 -2.88
C LLP B 185 -17.43 0.09 -5.47
O LLP B 185 -16.97 -0.01 -6.58
N THR B 186 -18.44 -0.71 -5.07
CA THR B 186 -19.24 -1.63 -5.92
C THR B 186 -18.51 -2.94 -6.17
N LEU B 187 -17.38 -2.89 -6.87
CA LEU B 187 -16.48 -4.02 -6.93
C LEU B 187 -15.45 -3.85 -5.82
N THR B 188 -15.34 -4.81 -4.90
CA THR B 188 -14.37 -4.69 -3.81
C THR B 188 -13.39 -5.86 -3.80
N THR B 189 -12.20 -5.56 -3.27
CA THR B 189 -11.22 -6.57 -2.85
C THR B 189 -10.85 -6.33 -1.39
N GLY B 190 -11.71 -5.65 -0.64
CA GLY B 190 -11.37 -5.23 0.71
C GLY B 190 -10.65 -3.90 0.71
N GLU B 191 -9.39 -3.94 0.25
CA GLU B 191 -8.69 -2.76 -0.24
C GLU B 191 -8.16 -3.23 -1.59
N GLY B 192 -8.10 -2.33 -2.56
CA GLY B 192 -7.48 -2.67 -3.82
C GLY B 192 -7.69 -1.54 -4.80
N GLY B 193 -6.99 -1.59 -5.92
CA GLY B 193 -7.23 -0.62 -6.97
C GLY B 193 -6.55 -1.09 -8.24
N ALA B 194 -6.65 -0.27 -9.28
CA ALA B 194 -6.01 -0.57 -10.55
C ALA B 194 -5.59 0.70 -11.23
N VAL B 195 -4.49 0.57 -11.97
CA VAL B 195 -4.00 1.57 -12.91
C VAL B 195 -4.17 1.01 -14.30
N VAL B 196 -4.78 1.76 -15.22
CA VAL B 196 -4.90 1.32 -16.61
C VAL B 196 -4.34 2.40 -17.52
N THR B 197 -3.87 1.95 -18.69
CA THR B 197 -3.29 2.84 -19.69
C THR B 197 -3.23 2.11 -21.02
N ASN B 198 -3.27 2.89 -22.10
CA ASN B 198 -3.00 2.37 -23.44
C ASN B 198 -1.54 2.51 -23.82
N ASP B 199 -0.71 3.09 -22.97
CA ASP B 199 0.68 3.40 -23.28
C ASP B 199 1.58 2.35 -22.63
N THR B 200 2.27 1.55 -23.45
CA THR B 200 3.05 0.45 -22.92
C THR B 200 4.24 0.95 -22.12
N GLU B 201 4.84 2.09 -22.47
CA GLU B 201 5.94 2.62 -21.70
C GLU B 201 5.45 3.00 -20.29
N LEU B 202 4.28 3.62 -20.19
CA LEU B 202 3.72 3.97 -18.88
C LEU B 202 3.38 2.71 -18.09
N TYR B 203 2.80 1.67 -18.73
CA TYR B 203 2.53 0.40 -18.11
C TYR B 203 3.80 -0.17 -17.51
N ASN B 204 4.86 -0.23 -18.32
CA ASN B 204 6.09 -0.84 -17.84
C ASN B 204 6.63 -0.08 -16.64
N LYS B 205 6.54 1.25 -16.63
CA LYS B 205 7.09 2.05 -15.55
CA LYS B 205 7.09 2.05 -15.55
C LYS B 205 6.27 1.83 -14.26
N VAL B 206 4.94 1.80 -14.37
CA VAL B 206 4.13 1.54 -13.19
C VAL B 206 4.45 0.14 -12.65
N ALA B 207 4.62 -0.86 -13.52
CA ALA B 207 4.91 -2.21 -13.04
C ALA B 207 6.22 -2.24 -12.26
N LEU B 208 7.21 -1.44 -12.68
CA LEU B 208 8.45 -1.36 -11.90
C LEU B 208 8.20 -0.68 -10.55
N LEU B 209 7.50 0.46 -10.57
CA LEU B 209 7.30 1.23 -9.36
C LEU B 209 6.48 0.47 -8.33
N ARG B 210 5.61 -0.43 -8.79
CA ARG B 210 4.72 -1.17 -7.92
C ARG B 210 5.51 -2.17 -7.06
N SER B 211 6.69 -2.60 -7.55
CA SER B 211 7.42 -3.67 -6.87
C SER B 211 8.92 -3.42 -6.90
N HIS B 212 9.33 -2.31 -6.28
CA HIS B 212 10.72 -2.12 -5.85
C HIS B 212 11.66 -1.93 -7.05
N GLY B 213 11.13 -1.61 -8.22
CA GLY B 213 11.93 -1.47 -9.43
C GLY B 213 12.32 -2.79 -10.07
N MET B 214 11.69 -3.89 -9.66
CA MET B 214 12.06 -5.23 -10.09
C MET B 214 11.62 -5.49 -11.52
N GLN B 215 12.57 -5.98 -12.33
CA GLN B 215 12.27 -6.49 -13.66
C GLN B 215 12.69 -7.96 -13.70
N GLY B 220 17.15 -13.48 -14.57
CA GLY B 220 17.11 -13.14 -13.14
C GLY B 220 16.52 -11.74 -12.91
N VAL B 221 16.18 -11.44 -11.65
CA VAL B 221 15.57 -10.17 -11.28
C VAL B 221 16.64 -9.09 -11.28
N VAL B 222 16.35 -7.98 -11.96
CA VAL B 222 17.19 -6.79 -11.95
C VAL B 222 16.38 -5.67 -11.32
N PHE B 223 17.08 -4.78 -10.59
CA PHE B 223 16.48 -3.58 -10.03
C PHE B 223 16.79 -2.40 -10.93
N LYS B 224 15.78 -1.93 -11.67
CA LYS B 224 15.96 -0.93 -12.71
C LYS B 224 15.86 0.50 -12.19
N CYS B 225 15.13 0.71 -11.09
CA CYS B 225 14.86 2.03 -10.56
C CYS B 225 14.41 1.89 -9.12
N VAL B 226 14.40 2.99 -8.38
CA VAL B 226 13.82 2.98 -7.06
C VAL B 226 12.30 2.89 -7.21
N GLY B 227 11.68 2.16 -6.29
CA GLY B 227 10.23 2.02 -6.30
C GLY B 227 9.67 1.74 -4.91
N LEU B 228 8.41 1.30 -4.91
CA LEU B 228 7.59 1.08 -3.71
C LEU B 228 7.10 -0.35 -3.71
N ASN B 229 6.29 -0.69 -2.69
CA ASN B 229 5.50 -1.91 -2.70
C ASN B 229 4.03 -1.53 -2.65
N TYR B 230 3.38 -1.66 -3.80
CA TYR B 230 1.94 -1.49 -3.90
C TYR B 230 1.30 -2.72 -4.53
N ARG B 231 1.82 -3.89 -4.25
CA ARG B 231 1.26 -5.11 -4.77
C ARG B 231 -0.01 -5.53 -4.06
N LEU B 232 -0.95 -6.09 -4.83
CA LEU B 232 -2.17 -6.69 -4.28
C LEU B 232 -1.95 -8.17 -4.07
N THR B 233 -2.48 -8.75 -2.99
CA THR B 233 -2.32 -10.19 -2.79
C THR B 233 -3.05 -10.99 -3.87
N ASN B 234 -2.61 -12.23 -4.06
CA ASN B 234 -3.27 -13.15 -4.98
C ASN B 234 -4.72 -13.44 -4.55
N PHE B 235 -4.98 -13.52 -3.26
CA PHE B 235 -6.33 -13.81 -2.81
C PHE B 235 -7.23 -12.59 -2.97
N GLN B 236 -6.73 -11.38 -2.73
CA GLN B 236 -7.52 -10.20 -3.07
C GLN B 236 -7.82 -10.18 -4.57
N GLY B 237 -6.84 -10.51 -5.44
CA GLY B 237 -7.08 -10.56 -6.87
C GLY B 237 -8.19 -11.55 -7.19
N ALA B 238 -8.23 -12.68 -6.49
CA ALA B 238 -9.25 -13.70 -6.74
C ALA B 238 -10.64 -13.13 -6.46
N ILE B 239 -10.80 -12.37 -5.39
CA ILE B 239 -12.08 -11.76 -5.08
C ILE B 239 -12.50 -10.85 -6.21
N GLY B 240 -11.59 -9.97 -6.63
CA GLY B 240 -11.97 -8.96 -7.60
C GLY B 240 -12.42 -9.57 -8.93
N ARG B 241 -11.66 -10.56 -9.38
CA ARG B 241 -12.00 -11.14 -10.66
C ARG B 241 -13.27 -11.99 -10.60
N ALA B 242 -13.65 -12.47 -9.41
CA ALA B 242 -14.92 -13.16 -9.26
C ALA B 242 -16.10 -12.19 -9.40
N ILE B 243 -15.91 -10.93 -9.02
CA ILE B 243 -16.99 -9.96 -9.00
C ILE B 243 -17.13 -9.28 -10.36
N LEU B 244 -16.03 -9.09 -11.09
CA LEU B 244 -16.08 -8.30 -12.31
C LEU B 244 -17.16 -8.78 -13.26
N PRO B 245 -17.40 -10.09 -13.50
CA PRO B 245 -18.46 -10.52 -14.42
C PRO B 245 -19.87 -10.17 -13.94
N GLU B 246 -20.02 -9.74 -12.68
CA GLU B 246 -21.34 -9.34 -12.15
C GLU B 246 -21.55 -7.83 -12.27
N LEU B 247 -20.48 -7.07 -12.55
CA LEU B 247 -20.52 -5.62 -12.37
C LEU B 247 -21.55 -4.95 -13.25
N ASN B 248 -21.65 -5.31 -14.52
CA ASN B 248 -22.63 -4.66 -15.37
C ASN B 248 -24.04 -4.90 -14.87
N GLN B 249 -24.32 -6.09 -14.38
CA GLN B 249 -25.69 -6.33 -13.90
C GLN B 249 -25.95 -5.58 -12.60
N TRP B 250 -24.92 -5.43 -11.78
CA TRP B 250 -25.05 -4.63 -10.57
C TRP B 250 -25.30 -3.16 -10.91
N ILE B 251 -24.56 -2.64 -11.90
CA ILE B 251 -24.78 -1.26 -12.32
C ILE B 251 -26.18 -1.09 -12.90
N ALA B 252 -26.67 -2.07 -13.67
CA ALA B 252 -28.00 -1.96 -14.25
C ALA B 252 -29.04 -1.88 -13.12
N LYS B 253 -28.85 -2.70 -12.08
CA LYS B 253 -29.76 -2.74 -10.96
C LYS B 253 -29.74 -1.39 -10.25
N ARG B 254 -28.52 -0.86 -10.04
CA ARG B 254 -28.35 0.44 -9.39
C ARG B 254 -29.05 1.54 -10.17
N ARG B 255 -28.98 1.48 -11.50
CA ARG B 255 -29.67 2.47 -12.31
C ARG B 255 -31.19 2.38 -12.13
N GLU B 256 -31.73 1.16 -12.03
CA GLU B 256 -33.16 1.01 -11.76
C GLU B 256 -33.53 1.62 -10.40
N LEU B 257 -32.74 1.37 -9.34
CA LEU B 257 -33.03 1.95 -8.04
C LEU B 257 -32.96 3.47 -8.10
N ALA B 258 -31.99 4.03 -8.85
CA ALA B 258 -31.87 5.48 -8.98
C ALA B 258 -33.10 6.09 -9.61
N ASN B 259 -33.67 5.41 -10.59
CA ASN B 259 -34.91 5.90 -11.18
C ASN B 259 -36.06 5.88 -10.16
N GLN B 260 -36.10 4.86 -9.30
CA GLN B 260 -37.09 4.81 -8.25
C GLN B 260 -36.93 6.00 -7.32
N TYR B 261 -35.70 6.33 -6.90
CA TYR B 261 -35.49 7.50 -6.10
C TYR B 261 -36.00 8.75 -6.80
N ARG B 262 -35.68 8.85 -8.09
CA ARG B 262 -36.04 10.05 -8.84
C ARG B 262 -37.55 10.27 -8.80
N GLU B 263 -38.29 9.20 -9.00
CA GLU B 263 -39.75 9.23 -9.04
C GLU B 263 -40.30 9.58 -7.67
N LEU B 264 -39.79 8.93 -6.62
CA LEU B 264 -40.34 9.06 -5.29
C LEU B 264 -39.92 10.35 -4.58
N LEU B 265 -38.76 10.91 -4.95
CA LEU B 265 -38.28 12.13 -4.30
C LEU B 265 -38.87 13.39 -4.92
N ALA B 266 -39.61 13.27 -6.02
CA ALA B 266 -40.11 14.44 -6.73
C ALA B 266 -40.89 15.40 -5.83
N PRO B 267 -41.78 14.93 -4.92
CA PRO B 267 -42.49 15.86 -4.04
C PRO B 267 -41.57 16.77 -3.22
N LEU B 268 -40.43 16.21 -2.77
CA LEU B 268 -39.51 16.99 -1.96
C LEU B 268 -38.78 18.01 -2.83
N VAL B 269 -38.47 17.63 -4.08
CA VAL B 269 -37.83 18.53 -5.02
C VAL B 269 -38.77 19.70 -5.30
N GLU B 270 -40.06 19.40 -5.46
CA GLU B 270 -41.03 20.38 -5.90
C GLU B 270 -41.21 21.49 -4.86
N VAL B 271 -41.04 21.18 -3.57
CA VAL B 271 -41.19 22.19 -2.53
C VAL B 271 -39.85 22.77 -2.10
N GLY B 272 -38.76 22.42 -2.81
CA GLY B 272 -37.47 23.06 -2.64
C GLY B 272 -36.67 22.52 -1.45
N LYS B 273 -37.04 21.34 -0.95
CA LYS B 273 -36.34 20.78 0.19
C LYS B 273 -35.02 20.10 -0.19
N LEU B 274 -34.90 19.66 -1.44
CA LEU B 274 -33.64 19.07 -1.87
C LEU B 274 -33.55 19.09 -3.40
N THR B 275 -32.32 18.91 -3.92
CA THR B 275 -32.08 18.66 -5.32
C THR B 275 -31.52 17.25 -5.51
N LEU B 276 -31.70 16.71 -6.71
CA LEU B 276 -31.31 15.35 -7.02
C LEU B 276 -30.03 15.32 -7.83
N PRO B 277 -29.27 14.20 -7.78
CA PRO B 277 -28.18 14.02 -8.72
C PRO B 277 -28.78 13.80 -10.10
N SER B 278 -27.97 13.97 -11.14
N SER B 278 -27.95 13.98 -11.13
CA SER B 278 -28.41 13.67 -12.49
CA SER B 278 -28.38 13.67 -12.49
C SER B 278 -27.72 12.40 -12.97
C SER B 278 -27.70 12.38 -12.94
N ILE B 279 -28.47 11.30 -12.93
CA ILE B 279 -27.95 9.97 -13.23
C ILE B 279 -28.03 9.75 -14.74
N VAL B 280 -27.05 10.34 -15.42
CA VAL B 280 -26.99 10.36 -16.87
C VAL B 280 -26.71 8.96 -17.40
N GLU B 281 -26.87 8.82 -18.70
CA GLU B 281 -26.42 7.63 -19.39
C GLU B 281 -24.92 7.42 -19.09
N GLY B 282 -24.58 6.17 -18.79
CA GLY B 282 -23.20 5.80 -18.49
C GLY B 282 -22.79 5.97 -17.04
N HIS B 283 -23.64 6.59 -16.21
CA HIS B 283 -23.35 6.72 -14.77
C HIS B 283 -23.34 5.32 -14.15
N SER B 284 -22.34 5.01 -13.34
CA SER B 284 -22.30 3.69 -12.71
C SER B 284 -22.99 3.71 -11.34
N VAL B 285 -23.40 4.88 -10.87
CA VAL B 285 -24.24 4.97 -9.67
C VAL B 285 -23.56 4.29 -8.48
N GLN B 286 -22.30 4.69 -8.25
CA GLN B 286 -21.58 4.25 -7.07
C GLN B 286 -22.13 4.93 -5.83
N THR B 287 -22.57 6.19 -5.95
CA THR B 287 -23.21 6.93 -4.88
C THR B 287 -24.38 7.71 -5.46
N TYR B 288 -25.47 7.77 -4.70
CA TYR B 288 -26.63 8.58 -5.03
C TYR B 288 -26.68 9.74 -4.06
N MET B 289 -26.22 10.93 -4.46
CA MET B 289 -26.13 12.04 -3.53
C MET B 289 -27.10 13.16 -3.93
N THR B 290 -28.01 13.44 -3.01
CA THR B 290 -28.91 14.58 -3.04
C THR B 290 -28.22 15.78 -2.41
N VAL B 291 -28.87 16.95 -2.53
CA VAL B 291 -28.40 18.14 -1.82
C VAL B 291 -29.56 18.73 -1.04
N LEU B 292 -29.41 18.82 0.29
CA LEU B 292 -30.48 19.38 1.12
C LEU B 292 -30.51 20.89 0.99
N ALA B 293 -31.70 21.46 1.16
CA ALA B 293 -31.84 22.91 1.27
C ALA B 293 -31.07 23.42 2.50
N ASP B 294 -30.67 24.70 2.44
CA ASP B 294 -29.81 25.32 3.44
C ASP B 294 -30.42 25.35 4.85
N ASN B 295 -31.74 25.27 4.93
CA ASN B 295 -32.42 25.47 6.21
C ASN B 295 -32.37 24.20 7.05
N PHE B 296 -31.91 23.08 6.47
CA PHE B 296 -31.76 21.87 7.24
C PHE B 296 -30.36 21.79 7.82
N GLU B 297 -30.26 21.31 9.06
CA GLU B 297 -28.99 20.95 9.67
C GLU B 297 -28.66 19.52 9.28
N ARG B 298 -27.72 19.36 8.33
CA ARG B 298 -27.52 18.05 7.76
C ARG B 298 -27.13 17.04 8.85
N SER B 299 -26.30 17.42 9.82
CA SER B 299 -25.87 16.46 10.83
C SER B 299 -27.08 15.92 11.58
N ASP B 300 -28.11 16.77 11.80
CA ASP B 300 -29.33 16.35 12.49
C ASP B 300 -30.15 15.41 11.60
N VAL B 301 -30.17 15.66 10.29
CA VAL B 301 -30.86 14.77 9.38
C VAL B 301 -30.21 13.39 9.39
N ILE B 302 -28.89 13.35 9.34
CA ILE B 302 -28.18 12.07 9.36
C ILE B 302 -28.51 11.31 10.63
N GLU B 303 -28.47 11.97 11.79
CA GLU B 303 -28.75 11.32 13.07
C GLU B 303 -30.18 10.79 13.10
N ALA B 304 -31.13 11.56 12.58
CA ALA B 304 -32.52 11.17 12.64
C ALA B 304 -32.71 9.96 11.73
N LEU B 305 -32.10 9.97 10.53
CA LEU B 305 -32.19 8.85 9.61
C LEU B 305 -31.58 7.60 10.25
N ARG B 306 -30.45 7.71 10.95
CA ARG B 306 -29.90 6.54 11.60
C ARG B 306 -30.90 5.90 12.57
N SER B 307 -31.63 6.74 13.30
CA SER B 307 -32.57 6.25 14.30
C SER B 307 -33.77 5.57 13.64
N LYS B 308 -33.91 5.77 12.32
CA LYS B 308 -34.92 5.12 11.50
C LYS B 308 -34.30 4.10 10.54
N GLN B 309 -33.13 3.58 10.90
CA GLN B 309 -32.47 2.47 10.21
C GLN B 309 -32.08 2.81 8.77
N VAL B 310 -31.72 4.08 8.54
CA VAL B 310 -31.18 4.50 7.26
C VAL B 310 -29.81 5.09 7.47
N GLU B 311 -28.80 4.49 6.83
CA GLU B 311 -27.46 5.05 6.83
C GLU B 311 -27.37 6.12 5.73
N SER B 312 -26.85 7.28 6.11
CA SER B 312 -26.66 8.38 5.19
C SER B 312 -25.39 9.11 5.60
N ASN B 313 -24.85 9.90 4.69
CA ASN B 313 -23.64 10.62 5.04
C ASN B 313 -23.42 11.73 4.04
N LEU B 314 -22.46 12.60 4.32
CA LEU B 314 -21.97 13.47 3.27
C LEU B 314 -21.41 12.58 2.16
N GLY B 315 -21.41 13.12 0.93
CA GLY B 315 -20.91 12.40 -0.22
C GLY B 315 -19.40 12.50 -0.40
N ALA B 316 -18.87 13.71 -0.24
CA ALA B 316 -17.44 13.95 -0.39
C ALA B 316 -17.07 15.26 0.29
N GLN B 317 -15.79 15.62 0.22
CA GLN B 317 -15.28 16.80 0.87
C GLN B 317 -15.12 17.97 -0.11
N SER B 318 -14.97 19.17 0.46
CA SER B 318 -14.55 20.33 -0.32
C SER B 318 -13.07 20.62 -0.01
N MET B 319 -12.21 20.44 -1.00
CA MET B 319 -10.76 20.56 -0.77
C MET B 319 -10.41 21.95 -0.25
N SER B 320 -11.07 23.00 -0.77
CA SER B 320 -10.81 24.37 -0.36
C SER B 320 -11.19 24.61 1.09
N SER B 321 -12.12 23.84 1.65
CA SER B 321 -12.55 24.00 3.03
CA SER B 321 -12.56 23.98 3.03
C SER B 321 -11.57 23.40 4.02
N LEU B 322 -10.63 22.53 3.58
CA LEU B 322 -9.90 21.71 4.53
C LEU B 322 -8.66 22.41 5.07
N GLY B 323 -8.17 23.47 4.42
CA GLY B 323 -6.99 24.18 4.91
C GLY B 323 -5.64 23.50 4.65
N LEU B 324 -5.64 22.51 3.74
CA LEU B 324 -4.46 21.69 3.47
C LEU B 324 -3.77 22.05 2.15
N PHE B 325 -4.49 22.70 1.25
CA PHE B 325 -4.05 22.90 -0.13
C PHE B 325 -3.92 24.39 -0.35
N ASN B 326 -2.79 24.95 0.08
CA ASN B 326 -2.74 26.40 0.29
C ASN B 326 -1.97 27.12 -0.81
N HIS B 327 -1.90 26.54 -2.01
CA HIS B 327 -1.38 27.28 -3.14
C HIS B 327 -2.16 28.59 -3.29
N LYS B 328 -1.42 29.65 -3.67
CA LYS B 328 -1.98 30.98 -3.88
C LYS B 328 -3.28 30.94 -4.70
N TYR B 329 -3.34 30.16 -5.76
CA TYR B 329 -4.50 30.16 -6.62
C TYR B 329 -5.74 29.83 -5.78
N ASN B 330 -5.59 28.90 -4.83
CA ASN B 330 -6.73 28.38 -4.10
C ASN B 330 -7.22 29.40 -3.09
N THR B 331 -6.35 30.34 -2.73
CA THR B 331 -6.67 31.42 -1.81
C THR B 331 -7.37 32.53 -2.58
N GLU B 332 -7.11 32.66 -3.88
CA GLU B 332 -7.61 33.74 -4.73
C GLU B 332 -9.01 33.40 -5.25
N GLN B 333 -9.21 32.13 -5.59
CA GLN B 333 -10.44 31.65 -6.18
C GLN B 333 -11.47 31.33 -5.09
N GLN B 334 -12.74 31.29 -5.50
CA GLN B 334 -13.84 30.94 -4.60
C GLN B 334 -14.49 29.66 -5.12
N TYR B 335 -15.07 28.83 -4.23
CA TYR B 335 -15.55 27.51 -4.61
C TYR B 335 -16.95 27.29 -4.09
N PRO B 336 -17.92 28.09 -4.51
CA PRO B 336 -19.26 27.97 -3.96
C PRO B 336 -19.91 26.62 -4.26
N GLU B 337 -19.66 26.04 -5.43
CA GLU B 337 -20.38 24.82 -5.76
C GLU B 337 -19.89 23.65 -4.91
N GLY B 338 -18.58 23.44 -4.89
CA GLY B 338 -18.02 22.37 -4.07
C GLY B 338 -18.37 22.58 -2.60
N THR B 339 -18.39 23.82 -2.15
CA THR B 339 -18.69 24.10 -0.75
C THR B 339 -20.13 23.73 -0.45
N ARG B 340 -21.05 24.06 -1.35
CA ARG B 340 -22.44 23.67 -1.18
C ARG B 340 -22.57 22.13 -1.10
N LEU B 341 -21.91 21.40 -2.02
CA LEU B 341 -22.05 19.95 -2.06
C LEU B 341 -21.48 19.35 -0.79
N TYR B 342 -20.33 19.86 -0.32
CA TYR B 342 -19.73 19.40 0.91
C TYR B 342 -20.61 19.67 2.12
N THR B 343 -21.24 20.84 2.17
CA THR B 343 -21.96 21.26 3.38
C THR B 343 -23.36 20.64 3.43
N HIS B 344 -24.00 20.45 2.29
CA HIS B 344 -25.43 20.15 2.21
C HIS B 344 -25.71 18.80 1.52
N GLY B 345 -24.70 18.20 0.90
CA GLY B 345 -24.89 16.92 0.24
C GLY B 345 -25.29 15.79 1.20
N LEU B 346 -26.20 14.94 0.74
CA LEU B 346 -26.68 13.78 1.51
C LEU B 346 -26.79 12.55 0.61
N ALA B 347 -25.87 11.60 0.82
CA ALA B 347 -25.88 10.32 0.12
C ALA B 347 -26.92 9.42 0.78
N LEU B 348 -27.75 8.80 -0.07
CA LEU B 348 -28.75 7.84 0.37
C LEU B 348 -28.38 6.43 -0.06
N PRO B 349 -28.77 5.38 0.68
CA PRO B 349 -28.41 4.02 0.30
C PRO B 349 -28.83 3.68 -1.12
N LEU B 350 -27.85 3.16 -1.85
CA LEU B 350 -28.11 2.69 -3.20
C LEU B 350 -27.07 1.64 -3.56
N HIS B 351 -27.49 0.37 -3.51
CA HIS B 351 -26.59 -0.72 -3.85
C HIS B 351 -27.45 -1.88 -4.32
N GLU B 352 -26.80 -2.79 -5.05
CA GLU B 352 -27.46 -3.87 -5.75
C GLU B 352 -28.20 -4.85 -4.82
N GLY B 353 -27.90 -4.86 -3.51
CA GLY B 353 -28.60 -5.71 -2.56
C GLY B 353 -30.00 -5.20 -2.17
N MET B 354 -30.33 -3.98 -2.58
CA MET B 354 -31.60 -3.35 -2.27
C MET B 354 -32.60 -3.68 -3.38
N ASN B 355 -33.89 -3.59 -3.02
CA ASN B 355 -35.00 -3.61 -3.98
C ASN B 355 -35.78 -2.31 -3.91
N ALA B 356 -36.83 -2.24 -4.74
CA ALA B 356 -37.70 -1.09 -4.84
C ALA B 356 -38.34 -0.79 -3.48
N GLU B 357 -38.73 -1.82 -2.75
CA GLU B 357 -39.31 -1.64 -1.43
C GLU B 357 -38.34 -0.87 -0.53
N ASP B 358 -37.05 -1.20 -0.57
CA ASP B 358 -36.03 -0.55 0.24
C ASP B 358 -35.88 0.92 -0.15
N VAL B 359 -35.94 1.22 -1.45
CA VAL B 359 -35.91 2.62 -1.87
C VAL B 359 -37.08 3.37 -1.26
N ALA B 360 -38.30 2.82 -1.37
CA ALA B 360 -39.47 3.48 -0.81
C ALA B 360 -39.31 3.68 0.70
N THR B 361 -38.73 2.69 1.42
CA THR B 361 -38.45 2.83 2.83
C THR B 361 -37.61 4.07 3.09
N VAL B 362 -36.51 4.21 2.33
CA VAL B 362 -35.60 5.32 2.55
C VAL B 362 -36.31 6.65 2.29
N VAL B 363 -37.07 6.73 1.20
CA VAL B 363 -37.72 7.98 0.86
C VAL B 363 -38.77 8.35 1.93
N SER B 364 -39.47 7.34 2.46
CA SER B 364 -40.44 7.58 3.53
C SER B 364 -39.74 8.17 4.74
N ALA B 365 -38.59 7.59 5.14
CA ALA B 365 -37.87 8.08 6.29
C ALA B 365 -37.39 9.50 6.05
N LEU B 366 -36.81 9.77 4.86
CA LEU B 366 -36.31 11.10 4.60
C LEU B 366 -37.44 12.14 4.58
N THR B 367 -38.58 11.78 3.99
CA THR B 367 -39.73 12.67 3.95
C THR B 367 -40.14 13.01 5.39
N GLU B 368 -40.20 11.99 6.25
CA GLU B 368 -40.60 12.18 7.63
C GLU B 368 -39.64 13.13 8.34
N VAL B 369 -38.33 12.89 8.18
CA VAL B 369 -37.33 13.69 8.87
C VAL B 369 -37.40 15.15 8.42
N LEU B 370 -37.55 15.38 7.12
CA LEU B 370 -37.58 16.75 6.62
C LEU B 370 -38.90 17.45 7.01
N GLU B 371 -39.98 16.70 7.18
CA GLU B 371 -41.23 17.27 7.70
C GLU B 371 -41.04 17.84 9.11
N HIS B 372 -40.34 17.08 9.96
CA HIS B 372 -40.11 17.42 11.35
C HIS B 372 -38.78 18.16 11.47
C1 EDO C . -10.97 5.65 2.01
C1 EDO C . -10.93 5.86 2.99
O1 EDO C . -9.82 5.02 1.47
O1 EDO C . -12.28 6.16 3.25
C2 EDO C . -10.89 5.91 3.45
C2 EDO C . -10.83 5.49 1.57
O2 EDO C . -11.70 6.95 3.97
O2 EDO C . -12.07 5.82 0.96
C1 EDO D . 5.80 10.16 -2.24
O1 EDO D . 6.08 9.70 -3.56
C2 EDO D . 6.89 9.68 -1.36
O2 EDO D . 6.67 9.95 0.00
C1 EDO E . 27.31 3.33 -5.67
O1 EDO E . 26.07 3.17 -5.01
C2 EDO E . 28.33 2.61 -4.86
O2 EDO E . 29.54 2.29 -5.48
C1 EDO F . -5.30 2.36 15.36
O1 EDO F . -5.35 1.37 14.36
C2 EDO F . -6.22 2.10 16.51
O2 EDO F . -7.57 1.89 16.11
C1 EDO G . 9.15 14.17 14.04
C1 EDO G . 9.54 14.65 15.00
O1 EDO G . 7.77 13.84 14.05
O1 EDO G . 8.22 14.16 14.84
C2 EDO G . 9.78 13.97 15.37
C2 EDO G . 10.40 14.28 13.86
O2 EDO G . 11.02 14.61 15.53
O2 EDO G . 10.99 15.38 13.21
C1 EDO H . 9.64 -29.71 2.56
O1 EDO H . 9.84 -30.62 3.62
C2 EDO H . 9.89 -28.34 3.03
O2 EDO H . 9.35 -27.40 2.24
C1 EDO I . -7.80 2.61 9.73
O1 EDO I . -7.38 3.89 9.27
C2 EDO I . -8.67 2.72 10.92
O2 EDO I . -7.92 2.94 12.09
CL CL J . -16.14 -2.84 5.07
C1 EDO K . 9.51 -8.43 -1.48
C1 EDO K . 9.30 -8.06 -1.55
O1 EDO K . 9.42 -8.49 -2.86
O1 EDO K . 9.57 -8.15 -2.92
C2 EDO K . 8.74 -7.31 -0.90
C2 EDO K . 10.23 -8.88 -0.73
O2 EDO K . 7.57 -7.21 -1.50
O2 EDO K . 9.61 -9.36 0.43
C1 EDO L . 1.97 -7.69 -14.50
O1 EDO L . 1.22 -7.76 -13.34
C2 EDO L . 1.77 -8.88 -15.38
O2 EDO L . 2.29 -10.06 -14.78
C1 EDO M . -3.49 -6.93 -20.38
O1 EDO M . -2.22 -7.42 -20.76
C2 EDO M . -3.44 -6.57 -18.96
O2 EDO M . -2.43 -5.62 -18.72
C1 EDO N . -32.10 8.84 -11.10
O1 EDO N . -32.60 8.57 -12.39
C2 EDO N . -31.84 10.29 -10.88
O2 EDO N . -32.20 10.88 -9.64
C1 EDO O . -13.14 21.78 -25.60
O1 EDO O . -13.49 21.04 -24.44
C2 EDO O . -11.83 22.47 -25.48
O2 EDO O . -10.72 21.71 -25.92
C1 EDO P . -8.53 33.22 -9.85
O1 EDO P . -7.46 33.83 -10.54
C2 EDO P . -9.50 34.22 -9.34
O2 EDO P . -9.84 35.16 -10.35
C1 EDO Q . -25.04 4.58 10.80
O1 EDO Q . -26.35 4.34 10.29
C2 EDO Q . -24.60 3.51 11.71
O2 EDO Q . -24.82 3.82 13.06
CL CL R . 3.45 -16.72 -1.67
#